data_4D49
#
_entry.id   4D49
#
_cell.length_a   88.570
_cell.length_b   51.730
_cell.length_c   107.610
_cell.angle_alpha   90.00
_cell.angle_beta   90.16
_cell.angle_gamma   90.00
#
_symmetry.space_group_name_H-M   'P 1 21 1'
#
loop_
_entity.id
_entity.type
_entity.pdbx_description
1 polymer 'ARMADILLO REPEAT PROTEIN ARM00027'
2 polymer 'POLY ARG DECAPEPTIDE'
3 non-polymer ARGININE
4 water water
#
loop_
_entity_poly.entity_id
_entity_poly.type
_entity_poly.pdbx_seq_one_letter_code
_entity_poly.pdbx_strand_id
1 'polypeptide(L)'
;GPGSELPQMVQQLNSPDQQELQSALRKLSQIASGGNEQIQKLIEAGALSPLVKLLDDASEEVIKEAVWAIANIASGNNEQ
IQKLIEAGALSPLVKLLDDASEEVIKEAVWAIANIASGNNEQIQKLIEAGALSPLVKLLDDASEEVIKEAVWAIANIASG
NNEQIQKLIEAGALSPLVKLLDDASEEVIKEAVWAIANIASGNNEMKQKLEEAGALPALEKLQSHANEEVQKNAQAALEA
FNS
;
A,B,E,F
2 'polypeptide(L)' RRRRRRRRRR C,D,G,H
#
# COMPACT_ATOMS: atom_id res chain seq x y z
N GLU A 5 20.38 -34.39 2.17
CA GLU A 5 20.03 -32.97 1.90
C GLU A 5 20.34 -32.69 0.42
N LEU A 6 20.26 -31.43 0.05
CA LEU A 6 20.15 -31.08 -1.36
C LEU A 6 21.44 -31.10 -2.16
N PRO A 7 22.56 -30.66 -1.58
CA PRO A 7 23.83 -30.81 -2.35
C PRO A 7 24.21 -32.25 -2.74
N GLN A 8 23.93 -33.22 -1.89
CA GLN A 8 24.20 -34.65 -2.18
C GLN A 8 23.32 -35.17 -3.32
N MET A 9 22.06 -34.73 -3.29
CA MET A 9 21.08 -35.02 -4.36
C MET A 9 21.58 -34.45 -5.68
N VAL A 10 22.04 -33.21 -5.61
CA VAL A 10 22.46 -32.50 -6.79
C VAL A 10 23.67 -33.23 -7.36
N GLN A 11 24.63 -33.57 -6.51
CA GLN A 11 25.81 -34.30 -6.95
C GLN A 11 25.40 -35.56 -7.67
N GLN A 12 24.50 -36.29 -7.04
CA GLN A 12 23.94 -37.53 -7.63
C GLN A 12 23.24 -37.46 -8.99
N LEU A 13 22.91 -36.27 -9.47
CA LEU A 13 22.34 -36.10 -10.80
C LEU A 13 23.35 -36.39 -11.84
N ASN A 14 24.59 -36.38 -11.45
CA ASN A 14 25.55 -36.59 -12.46
C ASN A 14 25.97 -38.01 -12.43
N SER A 15 25.40 -38.80 -11.51
CA SER A 15 25.86 -40.12 -11.22
C SER A 15 25.66 -41.08 -12.40
N PRO A 16 26.65 -41.96 -12.66
CA PRO A 16 26.52 -42.94 -13.76
C PRO A 16 25.67 -44.15 -13.41
N ASP A 17 25.53 -44.42 -12.10
CA ASP A 17 24.66 -45.48 -11.65
C ASP A 17 23.30 -44.91 -11.97
N GLN A 18 22.61 -45.55 -12.91
CA GLN A 18 21.30 -45.04 -13.27
C GLN A 18 20.28 -45.12 -12.12
N GLN A 19 20.37 -46.09 -11.21
CA GLN A 19 19.44 -46.12 -10.06
C GLN A 19 19.62 -44.96 -9.03
N GLU A 20 20.85 -44.61 -8.63
CA GLU A 20 21.00 -43.47 -7.71
C GLU A 20 20.65 -42.14 -8.43
N LEU A 21 20.94 -42.03 -9.73
CA LEU A 21 20.46 -40.90 -10.56
C LEU A 21 18.93 -40.80 -10.56
N GLN A 22 18.28 -41.87 -11.01
CA GLN A 22 16.83 -41.97 -11.14
C GLN A 22 16.16 -41.63 -9.82
N SER A 23 16.73 -42.11 -8.71
CA SER A 23 16.21 -41.82 -7.35
C SER A 23 16.48 -40.40 -6.87
N ALA A 24 17.65 -39.88 -7.23
CA ALA A 24 17.97 -38.48 -7.01
C ALA A 24 16.99 -37.54 -7.74
N LEU A 25 16.81 -37.82 -9.01
CA LEU A 25 15.90 -37.05 -9.84
C LEU A 25 14.48 -37.02 -9.29
N ARG A 26 14.01 -38.17 -8.82
CA ARG A 26 12.66 -38.30 -8.30
C ARG A 26 12.50 -37.49 -7.02
N LYS A 27 13.54 -37.45 -6.18
CA LYS A 27 13.49 -36.62 -4.96
C LYS A 27 13.46 -35.12 -5.38
N LEU A 28 14.18 -34.77 -6.43
CA LEU A 28 14.20 -33.40 -6.91
C LEU A 28 12.84 -32.99 -7.49
N SER A 29 12.22 -33.83 -8.31
CA SER A 29 10.87 -33.56 -8.81
C SER A 29 9.89 -33.36 -7.66
N GLN A 30 9.99 -34.22 -6.63
CA GLN A 30 9.15 -34.09 -5.44
C GLN A 30 9.26 -32.72 -4.88
N ILE A 31 10.50 -32.25 -4.71
CA ILE A 31 10.69 -30.90 -4.14
C ILE A 31 10.16 -29.83 -5.08
N ALA A 32 10.36 -30.02 -6.39
CA ALA A 32 10.09 -28.97 -7.40
C ALA A 32 8.61 -28.73 -7.58
N SER A 33 7.84 -29.75 -7.21
CA SER A 33 6.39 -29.72 -7.19
C SER A 33 5.87 -29.22 -5.85
N GLY A 34 6.80 -28.84 -4.96
CA GLY A 34 6.42 -28.16 -3.75
C GLY A 34 6.38 -26.79 -4.39
N GLY A 35 5.74 -25.84 -3.73
CA GLY A 35 5.70 -24.41 -4.12
C GLY A 35 7.01 -23.66 -4.20
N ASN A 36 6.94 -22.32 -4.23
CA ASN A 36 8.08 -21.48 -4.71
C ASN A 36 9.29 -21.34 -3.82
N GLU A 37 9.07 -21.58 -2.53
CA GLU A 37 10.11 -21.66 -1.53
C GLU A 37 10.89 -22.95 -1.73
N GLN A 38 10.19 -24.05 -2.03
CA GLN A 38 10.89 -25.29 -2.39
C GLN A 38 11.68 -25.11 -3.70
N ILE A 39 11.08 -24.49 -4.71
CA ILE A 39 11.85 -24.21 -5.93
C ILE A 39 13.10 -23.37 -5.64
N GLN A 40 12.99 -22.36 -4.79
CA GLN A 40 14.12 -21.50 -4.40
C GLN A 40 15.28 -22.29 -3.80
N LYS A 41 14.98 -23.34 -3.05
CA LYS A 41 16.05 -24.16 -2.48
C LYS A 41 16.78 -24.94 -3.56
N LEU A 42 16.05 -25.42 -4.57
CA LEU A 42 16.66 -26.11 -5.70
C LEU A 42 17.56 -25.16 -6.41
N ILE A 43 17.06 -23.96 -6.66
CA ILE A 43 17.91 -23.01 -7.36
C ILE A 43 19.20 -22.75 -6.57
N GLU A 44 19.05 -22.42 -5.30
CA GLU A 44 20.19 -22.05 -4.47
C GLU A 44 21.12 -23.18 -4.20
N ALA A 45 20.67 -24.41 -4.41
CA ALA A 45 21.54 -25.58 -4.30
C ALA A 45 22.22 -25.96 -5.62
N GLY A 46 22.00 -25.22 -6.68
CA GLY A 46 22.67 -25.53 -7.96
C GLY A 46 22.03 -26.63 -8.80
N ALA A 47 20.82 -27.03 -8.47
CA ALA A 47 20.09 -28.10 -9.21
C ALA A 47 19.81 -27.86 -10.71
N LEU A 48 19.66 -26.60 -11.08
CA LEU A 48 19.18 -26.25 -12.40
C LEU A 48 20.07 -26.61 -13.64
N SER A 49 21.37 -26.34 -13.60
CA SER A 49 22.25 -26.71 -14.72
C SER A 49 22.32 -28.22 -14.99
N PRO A 50 22.61 -29.04 -13.97
CA PRO A 50 22.63 -30.50 -14.17
C PRO A 50 21.29 -31.11 -14.59
N LEU A 51 20.21 -30.45 -14.16
CA LEU A 51 18.89 -30.93 -14.49
C LEU A 51 18.60 -30.71 -15.97
N VAL A 52 19.01 -29.56 -16.47
CA VAL A 52 18.85 -29.21 -17.87
C VAL A 52 19.75 -30.06 -18.72
N LYS A 53 20.93 -30.34 -18.19
CA LYS A 53 21.90 -31.23 -18.84
C LYS A 53 21.38 -32.67 -18.99
N LEU A 54 20.50 -33.11 -18.10
CA LEU A 54 19.78 -34.36 -18.28
C LEU A 54 18.81 -34.43 -19.46
N LEU A 55 18.41 -33.30 -20.06
CA LEU A 55 17.53 -33.36 -21.22
C LEU A 55 18.14 -34.03 -22.45
N ASP A 56 19.44 -34.35 -22.35
CA ASP A 56 20.20 -35.05 -23.40
C ASP A 56 20.57 -36.51 -23.02
N ASP A 57 20.07 -37.01 -21.89
CA ASP A 57 20.38 -38.38 -21.44
C ASP A 57 19.79 -39.41 -22.40
N ALA A 58 20.48 -40.55 -22.54
CA ALA A 58 20.15 -41.62 -23.49
C ALA A 58 18.77 -42.28 -23.34
N SER A 59 18.19 -42.27 -22.13
CA SER A 59 16.84 -42.82 -21.91
C SER A 59 15.82 -41.72 -21.63
N GLU A 60 14.67 -41.83 -22.30
CA GLU A 60 13.56 -40.89 -22.13
C GLU A 60 12.89 -41.07 -20.75
N GLU A 61 13.35 -42.08 -20.01
CA GLU A 61 12.92 -42.33 -18.64
C GLU A 61 13.48 -41.26 -17.68
N VAL A 62 14.74 -40.93 -17.88
CA VAL A 62 15.38 -39.84 -17.17
C VAL A 62 14.82 -38.50 -17.68
N ILE A 63 14.76 -38.37 -19.01
CA ILE A 63 14.33 -37.16 -19.66
C ILE A 63 12.94 -36.74 -19.27
N LYS A 64 11.99 -37.67 -19.24
CA LYS A 64 10.61 -37.32 -18.90
C LYS A 64 10.52 -36.72 -17.49
N GLU A 65 11.26 -37.34 -16.57
CA GLU A 65 11.27 -36.94 -15.17
C GLU A 65 11.88 -35.56 -15.06
N ALA A 66 12.94 -35.29 -15.85
CA ALA A 66 13.63 -34.01 -15.78
C ALA A 66 12.74 -32.90 -16.34
N VAL A 67 12.01 -33.20 -17.39
CA VAL A 67 11.14 -32.18 -17.96
C VAL A 67 9.97 -31.90 -17.01
N TRP A 68 9.37 -32.95 -16.46
CA TRP A 68 8.34 -32.76 -15.47
C TRP A 68 8.83 -31.76 -14.39
N ALA A 69 10.02 -31.99 -13.86
CA ALA A 69 10.62 -31.11 -12.80
C ALA A 69 10.81 -29.66 -13.26
N ILE A 70 11.36 -29.53 -14.46
CA ILE A 70 11.46 -28.26 -15.12
C ILE A 70 10.08 -27.61 -15.30
N ALA A 71 9.06 -28.35 -15.72
CA ALA A 71 7.71 -27.77 -15.89
C ALA A 71 7.28 -27.17 -14.57
N ASN A 72 7.59 -27.83 -13.47
CA ASN A 72 7.19 -27.35 -12.17
C ASN A 72 7.97 -26.16 -11.64
N ILE A 73 9.26 -26.18 -11.90
CA ILE A 73 10.13 -25.02 -11.57
C ILE A 73 9.65 -23.78 -12.32
N ALA A 74 9.23 -23.94 -13.57
CA ALA A 74 8.74 -22.79 -14.35
C ALA A 74 7.32 -22.39 -13.95
N SER A 75 6.69 -23.15 -13.03
CA SER A 75 5.49 -22.66 -12.40
C SER A 75 5.78 -21.66 -11.25
N GLY A 76 7.05 -21.39 -11.01
CA GLY A 76 7.46 -20.47 -9.96
C GLY A 76 7.46 -19.05 -10.45
N ASN A 77 8.11 -18.14 -9.72
CA ASN A 77 8.00 -16.74 -10.11
C ASN A 77 8.85 -16.47 -11.34
N ASN A 78 8.81 -15.22 -11.82
CA ASN A 78 9.55 -14.85 -13.04
C ASN A 78 11.06 -14.84 -12.85
N GLU A 79 11.51 -14.60 -11.62
CA GLU A 79 12.97 -14.66 -11.31
C GLU A 79 13.41 -16.11 -11.36
N GLN A 80 12.53 -16.99 -10.93
CA GLN A 80 12.78 -18.41 -11.03
C GLN A 80 12.77 -18.93 -12.48
N ILE A 81 11.80 -18.51 -13.27
CA ILE A 81 11.83 -18.79 -14.72
C ILE A 81 13.13 -18.29 -15.35
N GLN A 82 13.58 -17.12 -14.92
CA GLN A 82 14.78 -16.49 -15.47
C GLN A 82 16.04 -17.33 -15.20
N LYS A 83 16.17 -17.84 -13.96
CA LYS A 83 17.22 -18.82 -13.63
C LYS A 83 17.19 -20.10 -14.55
N LEU A 84 15.99 -20.57 -14.89
CA LEU A 84 15.84 -21.71 -15.84
C LEU A 84 16.34 -21.37 -17.23
N ILE A 85 16.03 -20.14 -17.66
CA ILE A 85 16.47 -19.65 -18.96
C ILE A 85 18.02 -19.54 -18.97
N GLU A 86 18.61 -18.99 -17.89
CA GLU A 86 20.11 -18.85 -17.74
C GLU A 86 20.84 -20.20 -17.65
N ALA A 87 20.23 -21.18 -17.00
CA ALA A 87 20.76 -22.54 -17.05
C ALA A 87 20.70 -23.21 -18.43
N GLY A 88 20.17 -22.53 -19.45
CA GLY A 88 20.16 -23.08 -20.83
C GLY A 88 19.01 -24.01 -21.17
N ALA A 89 17.93 -23.97 -20.40
CA ALA A 89 16.80 -24.84 -20.63
C ALA A 89 16.09 -24.76 -21.99
N LEU A 90 16.07 -23.60 -22.62
CA LEU A 90 15.13 -23.43 -23.77
C LEU A 90 15.45 -24.23 -24.99
N SER A 91 16.73 -24.32 -25.30
CA SER A 91 17.17 -25.01 -26.48
C SER A 91 16.88 -26.51 -26.44
N PRO A 92 17.24 -27.21 -25.33
CA PRO A 92 16.89 -28.62 -25.32
C PRO A 92 15.37 -28.89 -25.30
N LEU A 93 14.61 -28.04 -24.62
CA LEU A 93 13.16 -28.20 -24.56
C LEU A 93 12.54 -28.06 -25.92
N VAL A 94 12.95 -27.01 -26.64
CA VAL A 94 12.49 -26.85 -28.00
C VAL A 94 12.85 -28.08 -28.86
N LYS A 95 14.08 -28.56 -28.75
CA LYS A 95 14.51 -29.75 -29.49
C LYS A 95 13.66 -31.02 -29.22
N LEU A 96 13.15 -31.19 -28.01
CA LEU A 96 12.24 -32.33 -27.70
C LEU A 96 10.92 -32.29 -28.46
N LEU A 97 10.45 -31.11 -28.82
CA LEU A 97 9.17 -30.97 -29.56
C LEU A 97 9.07 -31.70 -30.89
N ASP A 98 10.19 -32.08 -31.50
CA ASP A 98 10.14 -32.99 -32.66
C ASP A 98 10.96 -34.28 -32.60
N ASP A 99 11.90 -34.41 -31.66
CA ASP A 99 12.81 -35.56 -31.58
C ASP A 99 12.45 -36.59 -30.48
N ALA A 100 11.26 -36.52 -29.91
CA ALA A 100 10.92 -37.34 -28.72
C ALA A 100 9.49 -37.88 -28.82
N SER A 101 9.11 -38.76 -27.90
CA SER A 101 7.77 -39.37 -27.91
C SER A 101 6.73 -38.38 -27.47
N GLU A 102 5.46 -38.61 -27.87
CA GLU A 102 4.36 -37.75 -27.45
C GLU A 102 4.26 -37.60 -25.94
N GLU A 103 4.59 -38.67 -25.24
CA GLU A 103 4.62 -38.68 -23.79
C GLU A 103 5.56 -37.59 -23.26
N VAL A 104 6.78 -37.51 -23.79
CA VAL A 104 7.78 -36.50 -23.39
C VAL A 104 7.37 -35.09 -23.89
N ILE A 105 6.93 -35.02 -25.14
CA ILE A 105 6.49 -33.80 -25.74
C ILE A 105 5.42 -33.06 -24.92
N LYS A 106 4.48 -33.77 -24.32
CA LYS A 106 3.42 -33.14 -23.53
C LYS A 106 4.01 -32.37 -22.38
N GLU A 107 5.07 -32.93 -21.82
CA GLU A 107 5.79 -32.33 -20.71
C GLU A 107 6.64 -31.15 -21.12
N ALA A 108 7.25 -31.27 -22.28
CA ALA A 108 8.02 -30.20 -22.87
C ALA A 108 7.12 -29.04 -23.19
N VAL A 109 5.93 -29.33 -23.68
CA VAL A 109 4.99 -28.28 -24.03
C VAL A 109 4.56 -27.56 -22.77
N TRP A 110 4.36 -28.32 -21.70
CA TRP A 110 3.94 -27.75 -20.44
C TRP A 110 5.01 -26.82 -19.86
N ALA A 111 6.25 -27.27 -19.86
CA ALA A 111 7.38 -26.46 -19.55
C ALA A 111 7.43 -25.19 -20.34
N ILE A 112 7.17 -25.32 -21.63
CA ILE A 112 7.28 -24.20 -22.52
C ILE A 112 6.16 -23.24 -22.29
N ALA A 113 4.93 -23.75 -22.02
CA ALA A 113 3.82 -22.84 -21.77
C ALA A 113 4.06 -21.99 -20.50
N ASN A 114 4.56 -22.61 -19.46
CA ASN A 114 4.89 -21.88 -18.21
C ASN A 114 5.98 -20.83 -18.35
N ILE A 115 7.02 -21.16 -19.11
CA ILE A 115 8.06 -20.18 -19.41
C ILE A 115 7.44 -18.98 -20.15
N ALA A 116 6.56 -19.24 -21.11
CA ALA A 116 5.82 -18.20 -21.83
C ALA A 116 4.73 -17.46 -21.01
N SER A 117 4.53 -17.92 -19.77
CA SER A 117 3.68 -17.24 -18.84
C SER A 117 4.52 -16.23 -18.05
N GLY A 118 5.79 -16.10 -18.43
CA GLY A 118 6.72 -15.16 -17.84
C GLY A 118 6.54 -13.82 -18.51
N ASN A 119 7.56 -12.98 -18.47
CA ASN A 119 7.45 -11.66 -19.08
C ASN A 119 7.73 -11.71 -20.58
N ASN A 120 7.62 -10.56 -21.23
CA ASN A 120 7.89 -10.44 -22.68
C ASN A 120 9.31 -10.73 -23.16
N GLU A 121 10.30 -10.42 -22.32
CA GLU A 121 11.70 -10.71 -22.61
C GLU A 121 11.97 -12.19 -22.52
N GLN A 122 11.25 -12.86 -21.62
CA GLN A 122 11.26 -14.32 -21.54
C GLN A 122 10.52 -14.98 -22.70
N ILE A 123 9.47 -14.33 -23.21
CA ILE A 123 8.75 -14.90 -24.35
C ILE A 123 9.65 -14.74 -25.56
N GLN A 124 10.39 -13.62 -25.60
CA GLN A 124 11.33 -13.32 -26.69
C GLN A 124 12.43 -14.34 -26.76
N LYS A 125 12.90 -14.75 -25.59
CA LYS A 125 13.88 -15.81 -25.52
C LYS A 125 13.30 -17.12 -26.08
N LEU A 126 12.04 -17.41 -25.79
CA LEU A 126 11.41 -18.61 -26.36
C LEU A 126 11.40 -18.56 -27.89
N ILE A 127 11.08 -17.41 -28.46
CA ILE A 127 11.04 -17.24 -29.89
C ILE A 127 12.43 -17.42 -30.53
N GLU A 128 13.43 -16.76 -29.96
CA GLU A 128 14.81 -16.90 -30.37
C GLU A 128 15.32 -18.31 -30.24
N ALA A 129 14.75 -19.09 -29.32
CA ALA A 129 15.11 -20.45 -29.26
C ALA A 129 14.37 -21.26 -30.32
N GLY A 130 13.50 -20.66 -31.14
CA GLY A 130 12.82 -21.42 -32.22
C GLY A 130 11.62 -22.22 -31.78
N ALA A 131 10.99 -21.83 -30.67
CA ALA A 131 9.83 -22.55 -30.19
C ALA A 131 8.60 -22.52 -31.10
N LEU A 132 8.45 -21.46 -31.89
CA LEU A 132 7.11 -21.17 -32.40
C LEU A 132 6.71 -22.20 -33.43
N SER A 133 7.64 -22.54 -34.31
CA SER A 133 7.34 -23.43 -35.42
C SER A 133 7.00 -24.86 -34.96
N PRO A 134 7.81 -25.47 -34.06
CA PRO A 134 7.42 -26.83 -33.65
C PRO A 134 6.11 -26.85 -32.83
N LEU A 135 5.78 -25.78 -32.13
CA LEU A 135 4.51 -25.67 -31.44
C LEU A 135 3.33 -25.65 -32.39
N VAL A 136 3.44 -24.83 -33.43
CA VAL A 136 2.39 -24.72 -34.42
C VAL A 136 2.18 -26.02 -35.14
N LYS A 137 3.27 -26.70 -35.47
CA LYS A 137 3.18 -27.97 -36.15
C LYS A 137 2.44 -29.05 -35.35
N LEU A 138 2.61 -29.03 -34.02
CA LEU A 138 1.92 -29.98 -33.16
C LEU A 138 0.39 -29.94 -33.31
N LEU A 139 -0.16 -28.77 -33.65
CA LEU A 139 -1.61 -28.56 -33.72
C LEU A 139 -2.27 -29.35 -34.83
N ASP A 140 -1.50 -29.64 -35.88
CA ASP A 140 -1.97 -30.51 -36.96
C ASP A 140 -1.59 -31.96 -36.74
N ASP A 141 -0.48 -32.19 -36.03
CA ASP A 141 0.17 -33.50 -36.04
C ASP A 141 0.00 -34.33 -34.77
N ALA A 142 -0.53 -33.78 -33.67
CA ALA A 142 -0.49 -34.47 -32.37
C ALA A 142 -1.87 -34.84 -31.83
N SER A 143 -1.89 -35.71 -30.83
CA SER A 143 -3.14 -36.10 -30.19
C SER A 143 -3.81 -34.90 -29.52
N GLU A 144 -5.13 -34.98 -29.37
CA GLU A 144 -5.88 -33.92 -28.72
C GLU A 144 -5.31 -33.52 -27.35
N GLU A 145 -4.91 -34.50 -26.53
CA GLU A 145 -4.20 -34.27 -25.26
C GLU A 145 -3.01 -33.34 -25.40
N VAL A 146 -2.14 -33.61 -26.39
CA VAL A 146 -0.98 -32.78 -26.60
C VAL A 146 -1.41 -31.42 -27.17
N ILE A 147 -2.37 -31.44 -28.07
CA ILE A 147 -2.83 -30.22 -28.72
C ILE A 147 -3.41 -29.22 -27.73
N LYS A 148 -4.09 -29.75 -26.73
CA LYS A 148 -4.65 -28.88 -25.72
C LYS A 148 -3.55 -28.09 -25.01
N GLU A 149 -2.41 -28.72 -24.71
CA GLU A 149 -1.34 -27.98 -24.03
C GLU A 149 -0.61 -27.03 -24.97
N ALA A 150 -0.40 -27.47 -26.21
CA ALA A 150 0.20 -26.60 -27.23
C ALA A 150 -0.64 -25.36 -27.46
N VAL A 151 -1.95 -25.51 -27.55
CA VAL A 151 -2.75 -24.34 -27.75
C VAL A 151 -2.55 -23.38 -26.57
N TRP A 152 -2.42 -23.91 -25.36
CA TRP A 152 -2.23 -23.04 -24.21
C TRP A 152 -0.86 -22.32 -24.31
N ALA A 153 0.18 -23.05 -24.72
CA ALA A 153 1.50 -22.40 -24.89
C ALA A 153 1.42 -21.26 -25.92
N ILE A 154 0.73 -21.54 -27.03
CA ILE A 154 0.54 -20.56 -28.06
C ILE A 154 -0.20 -19.34 -27.54
N ALA A 155 -1.23 -19.56 -26.76
CA ALA A 155 -1.97 -18.46 -26.18
C ALA A 155 -1.15 -17.58 -25.26
N ASN A 156 -0.22 -18.17 -24.53
CA ASN A 156 0.65 -17.37 -23.66
C ASN A 156 1.58 -16.50 -24.49
N ILE A 157 2.10 -17.09 -25.56
CA ILE A 157 2.91 -16.32 -26.51
C ILE A 157 2.08 -15.18 -27.06
N ALA A 158 0.84 -15.46 -27.41
CA ALA A 158 -0.09 -14.46 -27.94
C ALA A 158 -0.46 -13.34 -26.97
N SER A 159 -0.12 -13.47 -25.68
CA SER A 159 -0.35 -12.40 -24.68
C SER A 159 0.83 -11.44 -24.62
N GLY A 160 1.88 -11.74 -25.33
CA GLY A 160 3.07 -10.91 -25.37
C GLY A 160 2.81 -9.69 -26.21
N ASN A 161 3.87 -9.03 -26.68
CA ASN A 161 3.66 -7.77 -27.41
C ASN A 161 3.29 -8.01 -28.89
N ASN A 162 2.95 -6.94 -29.60
CA ASN A 162 2.53 -7.06 -31.02
C ASN A 162 3.62 -7.66 -31.93
N GLU A 163 4.90 -7.37 -31.67
CA GLU A 163 5.98 -7.92 -32.48
C GLU A 163 5.94 -9.46 -32.28
N GLN A 164 5.64 -9.88 -31.05
CA GLN A 164 5.57 -11.29 -30.70
C GLN A 164 4.38 -12.04 -31.34
N ILE A 165 3.24 -11.35 -31.44
CA ILE A 165 2.05 -11.95 -31.99
C ILE A 165 2.23 -12.15 -33.51
N GLN A 166 2.97 -11.23 -34.09
CA GLN A 166 3.22 -11.25 -35.50
C GLN A 166 4.15 -12.42 -35.79
N LYS A 167 5.10 -12.67 -34.93
CA LYS A 167 5.89 -13.90 -35.11
C LYS A 167 5.06 -15.20 -35.08
N LEU A 168 4.08 -15.29 -34.17
CA LEU A 168 3.10 -16.41 -34.21
C LEU A 168 2.40 -16.56 -35.53
N ILE A 169 1.92 -15.45 -36.06
CA ILE A 169 1.20 -15.40 -37.34
C ILE A 169 2.09 -15.83 -38.51
N GLU A 170 3.32 -15.34 -38.50
CA GLU A 170 4.36 -15.74 -39.45
C GLU A 170 4.65 -17.24 -39.36
N ALA A 171 4.60 -17.79 -38.15
CA ALA A 171 4.83 -19.19 -37.99
C ALA A 171 3.63 -20.03 -38.47
N GLY A 172 2.57 -19.37 -38.95
CA GLY A 172 1.39 -20.11 -39.45
C GLY A 172 0.34 -20.50 -38.42
N ALA A 173 0.32 -19.84 -37.25
CA ALA A 173 -0.60 -20.25 -36.17
C ALA A 173 -2.10 -20.13 -36.50
N LEU A 174 -2.47 -19.19 -37.36
CA LEU A 174 -3.88 -18.82 -37.49
C LEU A 174 -4.84 -19.85 -38.03
N SER A 175 -4.47 -20.53 -39.10
CA SER A 175 -5.40 -21.49 -39.71
C SER A 175 -5.62 -22.72 -38.85
N PRO A 176 -4.52 -23.31 -38.33
CA PRO A 176 -4.68 -24.40 -37.39
C PRO A 176 -5.48 -23.98 -36.17
N LEU A 177 -5.35 -22.74 -35.71
CA LEU A 177 -6.15 -22.32 -34.54
C LEU A 177 -7.61 -22.21 -34.91
N VAL A 178 -7.87 -21.50 -36.01
CA VAL A 178 -9.23 -21.36 -36.52
C VAL A 178 -9.91 -22.71 -36.77
N LYS A 179 -9.18 -23.64 -37.36
CA LYS A 179 -9.69 -25.00 -37.59
C LYS A 179 -10.06 -25.71 -36.30
N LEU A 180 -9.34 -25.44 -35.21
CA LEU A 180 -9.62 -26.10 -33.93
C LEU A 180 -10.94 -25.66 -33.30
N LEU A 181 -11.39 -24.46 -33.63
CA LEU A 181 -12.67 -23.96 -33.14
C LEU A 181 -13.85 -24.82 -33.60
N ASP A 182 -13.74 -25.41 -34.79
CA ASP A 182 -14.87 -26.11 -35.40
C ASP A 182 -15.09 -27.49 -34.80
N ASP A 183 -14.15 -28.40 -35.08
CA ASP A 183 -14.34 -29.86 -34.95
C ASP A 183 -13.85 -30.57 -33.66
N ALA A 184 -12.93 -29.93 -32.93
CA ALA A 184 -12.16 -30.58 -31.88
C ALA A 184 -13.07 -30.74 -30.68
N SER A 185 -12.54 -31.34 -29.61
CA SER A 185 -13.23 -31.47 -28.32
C SER A 185 -13.45 -30.12 -27.63
N GLU A 186 -14.44 -30.06 -26.76
CA GLU A 186 -14.90 -28.81 -26.17
C GLU A 186 -13.79 -28.15 -25.30
N GLU A 187 -12.94 -28.96 -24.71
CA GLU A 187 -11.84 -28.49 -23.93
C GLU A 187 -10.83 -27.71 -24.80
N VAL A 188 -10.63 -28.23 -25.99
CA VAL A 188 -9.67 -27.64 -26.92
C VAL A 188 -10.21 -26.34 -27.50
N ILE A 189 -11.48 -26.36 -27.86
CA ILE A 189 -12.15 -25.21 -28.44
C ILE A 189 -11.97 -24.07 -27.46
N LYS A 190 -12.21 -24.36 -26.19
CA LYS A 190 -12.02 -23.38 -25.16
C LYS A 190 -10.60 -22.80 -25.22
N GLU A 191 -9.59 -23.68 -25.32
CA GLU A 191 -8.25 -23.22 -25.30
C GLU A 191 -7.95 -22.36 -26.53
N ALA A 192 -8.48 -22.78 -27.67
CA ALA A 192 -8.29 -22.13 -28.94
C ALA A 192 -8.91 -20.76 -28.99
N VAL A 193 -10.06 -20.58 -28.34
CA VAL A 193 -10.74 -19.31 -28.47
C VAL A 193 -9.99 -18.31 -27.67
N TRP A 194 -9.42 -18.77 -26.56
CA TRP A 194 -8.61 -17.90 -25.67
C TRP A 194 -7.36 -17.43 -26.36
N ALA A 195 -6.73 -18.30 -27.14
CA ALA A 195 -5.57 -17.87 -27.91
C ALA A 195 -5.98 -16.81 -28.93
N ILE A 196 -7.13 -17.03 -29.56
CA ILE A 196 -7.61 -16.14 -30.63
C ILE A 196 -8.05 -14.81 -30.03
N ALA A 197 -8.63 -14.85 -28.84
CA ALA A 197 -8.96 -13.62 -28.14
C ALA A 197 -7.69 -12.79 -27.89
N ASN A 198 -6.61 -13.41 -27.41
CA ASN A 198 -5.32 -12.67 -27.29
C ASN A 198 -4.83 -12.05 -28.63
N ILE A 199 -4.86 -12.82 -29.73
CA ILE A 199 -4.41 -12.28 -31.05
C ILE A 199 -5.29 -11.14 -31.51
N ALA A 200 -6.60 -11.30 -31.28
CA ALA A 200 -7.62 -10.33 -31.58
C ALA A 200 -7.45 -9.00 -30.85
N SER A 201 -6.73 -9.02 -29.73
CA SER A 201 -6.36 -7.78 -29.04
C SER A 201 -5.15 -7.11 -29.68
N GLY A 202 -4.66 -7.66 -30.79
CA GLY A 202 -3.51 -7.08 -31.50
C GLY A 202 -3.88 -5.83 -32.26
N ASN A 203 -3.02 -5.43 -33.20
CA ASN A 203 -3.28 -4.26 -33.99
C ASN A 203 -4.13 -4.61 -35.23
N ASN A 204 -4.45 -3.63 -36.05
CA ASN A 204 -5.44 -3.88 -37.14
C ASN A 204 -4.95 -4.86 -38.19
N GLU A 205 -3.64 -4.89 -38.46
CA GLU A 205 -3.10 -5.84 -39.45
C GLU A 205 -3.46 -7.24 -38.98
N MET A 206 -3.44 -7.45 -37.68
CA MET A 206 -3.59 -8.79 -37.10
C MET A 206 -5.03 -9.23 -36.99
N LYS A 207 -5.90 -8.27 -36.67
CA LYS A 207 -7.31 -8.47 -36.75
C LYS A 207 -7.61 -8.93 -38.17
N GLN A 208 -7.15 -8.15 -39.11
CA GLN A 208 -7.34 -8.41 -40.50
C GLN A 208 -6.88 -9.81 -40.89
N LYS A 209 -5.72 -10.21 -40.37
CA LYS A 209 -5.23 -11.56 -40.59
C LYS A 209 -6.19 -12.57 -39.97
N LEU A 210 -6.62 -12.28 -38.75
CA LEU A 210 -7.68 -13.04 -38.11
C LEU A 210 -8.91 -13.14 -38.99
N GLU A 211 -9.41 -12.01 -39.50
CA GLU A 211 -10.58 -12.04 -40.39
C GLU A 211 -10.29 -12.90 -41.59
N GLU A 212 -9.11 -12.71 -42.18
CA GLU A 212 -8.76 -13.47 -43.38
C GLU A 212 -8.82 -14.95 -43.07
N ALA A 213 -8.27 -15.34 -41.93
CA ALA A 213 -8.15 -16.75 -41.57
C ALA A 213 -9.50 -17.41 -41.33
N GLY A 214 -10.57 -16.63 -41.32
CA GLY A 214 -11.92 -17.18 -41.24
C GLY A 214 -12.44 -17.23 -39.81
N ALA A 215 -11.83 -16.46 -38.93
CA ALA A 215 -12.09 -16.53 -37.51
C ALA A 215 -13.49 -16.07 -37.11
N LEU A 216 -14.01 -15.03 -37.75
CA LEU A 216 -15.26 -14.42 -37.27
C LEU A 216 -16.47 -15.37 -37.38
N PRO A 217 -16.66 -16.02 -38.56
CA PRO A 217 -17.73 -17.01 -38.69
C PRO A 217 -17.61 -18.17 -37.71
N ALA A 218 -16.40 -18.65 -37.48
CA ALA A 218 -16.18 -19.75 -36.54
C ALA A 218 -16.53 -19.33 -35.11
N LEU A 219 -16.22 -18.10 -34.76
CA LEU A 219 -16.54 -17.55 -33.42
C LEU A 219 -18.04 -17.22 -33.25
N GLU A 220 -18.63 -16.65 -34.29
CA GLU A 220 -20.08 -16.41 -34.34
C GLU A 220 -20.80 -17.76 -34.29
N LYS A 221 -20.27 -18.76 -34.98
CA LYS A 221 -20.78 -20.14 -34.90
C LYS A 221 -20.91 -20.76 -33.49
N LEU A 222 -20.08 -20.34 -32.54
CA LEU A 222 -19.96 -21.02 -31.24
C LEU A 222 -20.90 -20.50 -30.17
N GLN A 223 -21.54 -19.38 -30.47
CA GLN A 223 -22.50 -18.79 -29.53
C GLN A 223 -23.82 -19.59 -29.55
N SER A 224 -23.87 -20.63 -30.38
CA SER A 224 -24.90 -21.64 -30.39
C SER A 224 -24.33 -23.04 -30.12
N HIS A 225 -23.56 -23.15 -29.03
CA HIS A 225 -22.82 -24.39 -28.67
C HIS A 225 -23.42 -24.96 -27.40
N ALA A 226 -23.28 -26.27 -27.21
CA ALA A 226 -23.81 -26.95 -26.01
C ALA A 226 -23.25 -26.30 -24.75
N ASN A 227 -21.94 -26.43 -24.56
CA ASN A 227 -21.26 -25.81 -23.42
C ASN A 227 -21.57 -24.32 -23.29
N GLU A 228 -22.08 -23.94 -22.10
CA GLU A 228 -22.38 -22.56 -21.63
C GLU A 228 -21.14 -21.66 -21.65
N GLU A 229 -20.02 -22.28 -21.28
CA GLU A 229 -18.79 -21.55 -20.94
C GLU A 229 -17.96 -21.14 -22.16
N VAL A 230 -18.00 -21.92 -23.24
CA VAL A 230 -17.37 -21.44 -24.44
C VAL A 230 -18.20 -20.34 -25.09
N GLN A 231 -19.53 -20.42 -25.04
CA GLN A 231 -20.35 -19.29 -25.53
C GLN A 231 -19.79 -18.00 -24.98
N LYS A 232 -19.64 -17.94 -23.68
CA LYS A 232 -19.15 -16.76 -22.97
C LYS A 232 -17.80 -16.25 -23.45
N ASN A 233 -16.87 -17.18 -23.60
CA ASN A 233 -15.51 -16.83 -24.04
C ASN A 233 -15.44 -16.52 -25.54
N ALA A 234 -16.24 -17.22 -26.34
CA ALA A 234 -16.39 -16.91 -27.73
C ALA A 234 -16.92 -15.48 -27.89
N GLN A 235 -17.85 -15.09 -27.01
CA GLN A 235 -18.39 -13.74 -27.02
C GLN A 235 -17.31 -12.71 -26.89
N ALA A 236 -16.51 -12.87 -25.85
CA ALA A 236 -15.45 -11.92 -25.50
C ALA A 236 -14.33 -11.87 -26.52
N ALA A 237 -14.13 -12.97 -27.23
CA ALA A 237 -13.16 -12.94 -28.34
C ALA A 237 -13.68 -12.04 -29.47
N LEU A 238 -14.98 -12.04 -29.71
CA LEU A 238 -15.57 -11.14 -30.72
C LEU A 238 -15.57 -9.69 -30.26
N GLU A 239 -15.85 -9.48 -28.98
CA GLU A 239 -15.75 -8.13 -28.42
C GLU A 239 -14.34 -7.62 -28.51
N ALA A 240 -13.37 -8.46 -28.15
CA ALA A 240 -11.94 -8.08 -28.25
C ALA A 240 -11.52 -7.79 -29.71
N PHE A 241 -12.17 -8.45 -30.66
CA PHE A 241 -11.94 -8.20 -32.07
C PHE A 241 -12.55 -6.83 -32.46
N ASN A 242 -13.40 -6.28 -31.59
CA ASN A 242 -14.19 -5.07 -31.75
C ASN A 242 -13.96 -4.14 -30.56
N SER A 243 -14.89 -3.67 -29.86
N GLU B 5 -11.18 -10.87 3.21
CA GLU B 5 -11.84 -10.04 2.17
C GLU B 5 -10.88 -8.85 1.88
N LEU B 6 -11.26 -7.56 1.78
CA LEU B 6 -10.32 -6.54 1.29
C LEU B 6 -9.21 -6.12 2.26
N PRO B 7 -9.54 -5.91 3.55
CA PRO B 7 -8.44 -5.53 4.45
C PRO B 7 -7.31 -6.57 4.55
N GLN B 8 -7.65 -7.85 4.48
CA GLN B 8 -6.66 -8.94 4.53
C GLN B 8 -5.78 -8.89 3.28
N MET B 9 -6.40 -8.64 2.13
CA MET B 9 -5.62 -8.52 0.86
C MET B 9 -4.71 -7.33 0.93
N VAL B 10 -5.22 -6.24 1.50
CA VAL B 10 -4.41 -5.02 1.61
C VAL B 10 -3.22 -5.31 2.50
N GLN B 11 -3.48 -5.94 3.65
CA GLN B 11 -2.45 -6.27 4.62
C GLN B 11 -1.39 -7.13 3.87
N GLN B 12 -1.86 -8.10 3.11
CA GLN B 12 -0.96 -8.93 2.25
C GLN B 12 -0.08 -8.28 1.17
N LEU B 13 -0.36 -7.04 0.80
CA LEU B 13 0.49 -6.33 -0.13
C LEU B 13 1.84 -5.98 0.48
N ASN B 14 1.93 -6.06 1.80
CA ASN B 14 3.16 -5.78 2.48
C ASN B 14 3.74 -7.10 3.05
N SER B 15 3.22 -8.24 2.55
CA SER B 15 3.64 -9.57 3.02
C SER B 15 5.10 -9.85 2.65
N PRO B 16 5.83 -10.62 3.49
CA PRO B 16 7.23 -10.92 3.15
C PRO B 16 7.37 -12.05 2.15
N ASP B 17 6.33 -12.86 2.01
CA ASP B 17 6.27 -13.94 0.98
C ASP B 17 5.88 -13.37 -0.34
N GLN B 18 6.72 -13.57 -1.35
CA GLN B 18 6.37 -13.07 -2.65
C GLN B 18 5.12 -13.75 -3.28
N GLN B 19 4.86 -15.03 -3.01
CA GLN B 19 3.66 -15.67 -3.59
C GLN B 19 2.31 -15.16 -3.00
N GLU B 20 2.22 -14.90 -1.71
CA GLU B 20 1.01 -14.33 -1.16
C GLU B 20 0.82 -12.87 -1.60
N LEU B 21 1.92 -12.14 -1.69
CA LEU B 21 1.91 -10.80 -2.28
C LEU B 21 1.36 -10.85 -3.67
N GLN B 22 2.04 -11.61 -4.52
CA GLN B 22 1.71 -11.67 -5.94
C GLN B 22 0.26 -12.05 -6.14
N SER B 23 -0.24 -12.98 -5.33
CA SER B 23 -1.64 -13.41 -5.42
C SER B 23 -2.61 -12.36 -4.88
N ALA B 24 -2.19 -11.63 -3.87
CA ALA B 24 -2.94 -10.50 -3.34
C ALA B 24 -3.11 -9.40 -4.39
N LEU B 25 -1.98 -9.06 -5.03
CA LEU B 25 -1.92 -8.06 -6.09
C LEU B 25 -2.85 -8.36 -7.23
N ARG B 26 -2.84 -9.62 -7.62
CA ARG B 26 -3.68 -10.07 -8.71
C ARG B 26 -5.18 -9.93 -8.36
N LYS B 27 -5.54 -10.21 -7.11
CA LYS B 27 -6.95 -10.04 -6.71
C LYS B 27 -7.35 -8.59 -6.77
N LEU B 28 -6.42 -7.74 -6.35
CA LEU B 28 -6.67 -6.33 -6.33
C LEU B 28 -6.83 -5.78 -7.76
N SER B 29 -5.99 -6.20 -8.68
CA SER B 29 -6.16 -5.82 -10.07
C SER B 29 -7.48 -6.23 -10.58
N GLN B 30 -7.89 -7.45 -10.25
CA GLN B 30 -9.23 -7.92 -10.67
C GLN B 30 -10.25 -6.91 -10.24
N ILE B 31 -10.20 -6.51 -8.97
CA ILE B 31 -11.22 -5.59 -8.47
C ILE B 31 -11.15 -4.23 -9.16
N ALA B 32 -9.94 -3.81 -9.47
CA ALA B 32 -9.66 -2.46 -9.93
C ALA B 32 -10.11 -2.27 -11.38
N SER B 33 -10.23 -3.36 -12.11
CA SER B 33 -10.86 -3.35 -13.41
C SER B 33 -12.38 -3.54 -13.36
N GLY B 34 -12.97 -3.58 -12.16
CA GLY B 34 -14.42 -3.72 -12.02
C GLY B 34 -15.31 -2.50 -11.93
N GLY B 35 -14.92 -1.40 -12.55
CA GLY B 35 -15.75 -0.19 -12.58
C GLY B 35 -15.66 0.56 -11.28
N ASN B 36 -16.32 1.73 -11.21
CA ASN B 36 -15.99 2.77 -10.22
C ASN B 36 -16.37 2.56 -8.77
N GLU B 37 -17.38 1.70 -8.58
CA GLU B 37 -17.81 1.28 -7.29
C GLU B 37 -16.78 0.30 -6.70
N GLN B 38 -16.28 -0.59 -7.54
CA GLN B 38 -15.17 -1.44 -7.15
C GLN B 38 -13.93 -0.62 -6.81
N ILE B 39 -13.60 0.37 -7.64
CA ILE B 39 -12.46 1.23 -7.31
C ILE B 39 -12.64 1.95 -5.97
N GLN B 40 -13.85 2.44 -5.69
CA GLN B 40 -14.20 3.09 -4.42
C GLN B 40 -13.95 2.19 -3.21
N LYS B 41 -14.19 0.90 -3.35
CA LYS B 41 -13.91 -0.04 -2.23
C LYS B 41 -12.42 -0.20 -1.97
N LEU B 42 -11.61 -0.21 -3.06
CA LEU B 42 -10.15 -0.25 -2.92
C LEU B 42 -9.69 0.98 -2.22
N ILE B 43 -10.17 2.13 -2.67
CA ILE B 43 -9.74 3.38 -2.05
C ILE B 43 -10.08 3.34 -0.57
N GLU B 44 -11.32 3.00 -0.25
CA GLU B 44 -11.82 3.04 1.14
C GLU B 44 -11.23 1.95 2.01
N ALA B 45 -10.70 0.88 1.41
CA ALA B 45 -9.96 -0.11 2.15
C ALA B 45 -8.46 0.21 2.31
N GLY B 46 -7.97 1.34 1.80
CA GLY B 46 -6.58 1.73 2.03
C GLY B 46 -5.57 1.11 1.06
N ALA B 47 -6.03 0.54 -0.01
CA ALA B 47 -5.18 -0.12 -1.00
C ALA B 47 -4.12 0.76 -1.69
N LEU B 48 -4.43 2.04 -1.85
CA LEU B 48 -3.72 2.90 -2.78
C LEU B 48 -2.25 3.21 -2.41
N SER B 49 -1.98 3.53 -1.15
CA SER B 49 -0.60 3.80 -0.74
C SER B 49 0.33 2.60 -0.92
N PRO B 50 -0.08 1.41 -0.41
CA PRO B 50 0.79 0.21 -0.54
C PRO B 50 0.99 -0.23 -1.99
N LEU B 51 -0.01 0.05 -2.81
CA LEU B 51 0.04 -0.32 -4.19
C LEU B 51 1.09 0.51 -4.90
N VAL B 52 1.12 1.79 -4.58
CA VAL B 52 2.01 2.71 -5.19
C VAL B 52 3.44 2.45 -4.69
N LYS B 53 3.52 2.05 -3.43
CA LYS B 53 4.76 1.67 -2.78
C LYS B 53 5.38 0.43 -3.44
N LEU B 54 4.56 -0.43 -4.03
CA LEU B 54 5.04 -1.50 -4.85
C LEU B 54 5.70 -1.09 -6.18
N LEU B 55 5.51 0.13 -6.67
CA LEU B 55 6.18 0.54 -7.90
C LEU B 55 7.72 0.59 -7.80
N ASP B 56 8.23 0.40 -6.58
CA ASP B 56 9.68 0.36 -6.29
C ASP B 56 10.19 -1.02 -5.96
N ASP B 57 9.33 -2.04 -6.06
CA ASP B 57 9.73 -3.42 -5.75
C ASP B 57 10.81 -3.88 -6.73
N ALA B 58 11.70 -4.73 -6.24
CA ALA B 58 12.85 -5.29 -7.00
C ALA B 58 12.52 -6.09 -8.32
N SER B 59 11.36 -6.73 -8.40
CA SER B 59 10.95 -7.48 -9.61
C SER B 59 9.83 -6.76 -10.37
N GLU B 60 10.01 -6.69 -11.70
CA GLU B 60 9.05 -6.04 -12.56
C GLU B 60 7.75 -6.87 -12.68
N GLU B 61 7.75 -8.03 -12.04
CA GLU B 61 6.68 -8.96 -12.02
C GLU B 61 5.61 -8.42 -11.10
N VAL B 62 6.05 -7.90 -10.00
CA VAL B 62 5.19 -7.20 -9.07
C VAL B 62 4.79 -5.86 -9.65
N ILE B 63 5.79 -5.13 -10.15
CA ILE B 63 5.58 -3.81 -10.66
C ILE B 63 4.54 -3.79 -11.80
N LYS B 64 4.63 -4.72 -12.76
CA LYS B 64 3.74 -4.67 -13.93
C LYS B 64 2.30 -4.77 -13.48
N GLU B 65 2.10 -5.64 -12.52
CA GLU B 65 0.82 -5.91 -12.00
C GLU B 65 0.28 -4.71 -11.26
N ALA B 66 1.14 -4.00 -10.55
CA ALA B 66 0.73 -2.83 -9.76
C ALA B 66 0.42 -1.70 -10.67
N VAL B 67 1.19 -1.54 -11.74
CA VAL B 67 0.84 -0.47 -12.71
C VAL B 67 -0.47 -0.76 -13.46
N TRP B 68 -0.65 -2.00 -13.90
CA TRP B 68 -1.91 -2.38 -14.54
C TRP B 68 -3.15 -2.00 -13.67
N ALA B 69 -3.10 -2.34 -12.38
CA ALA B 69 -4.13 -1.91 -11.40
C ALA B 69 -4.31 -0.38 -11.28
N ILE B 70 -3.19 0.31 -11.12
CA ILE B 70 -3.19 1.77 -11.13
C ILE B 70 -3.76 2.34 -12.43
N ALA B 71 -3.39 1.81 -13.60
CA ALA B 71 -4.02 2.26 -14.83
C ALA B 71 -5.55 2.18 -14.71
N ASN B 72 -6.04 1.11 -14.12
CA ASN B 72 -7.47 0.90 -14.05
C ASN B 72 -8.16 1.77 -13.02
N ILE B 73 -7.52 1.96 -11.91
CA ILE B 73 -8.01 2.90 -10.89
C ILE B 73 -8.09 4.32 -11.45
N ALA B 74 -7.15 4.72 -12.29
CA ALA B 74 -7.23 6.03 -12.94
C ALA B 74 -8.27 6.08 -14.07
N SER B 75 -8.87 4.96 -14.40
CA SER B 75 -10.04 5.02 -15.30
C SER B 75 -11.29 5.47 -14.59
N GLY B 76 -11.20 5.67 -13.31
CA GLY B 76 -12.39 6.02 -12.53
C GLY B 76 -12.67 7.50 -12.55
N ASN B 77 -13.44 7.99 -11.63
CA ASN B 77 -13.79 9.41 -11.71
C ASN B 77 -12.61 10.28 -11.29
N ASN B 78 -12.78 11.58 -11.41
CA ASN B 78 -11.68 12.52 -11.10
C ASN B 78 -11.34 12.62 -9.61
N GLU B 79 -12.33 12.38 -8.76
CA GLU B 79 -12.07 12.25 -7.31
C GLU B 79 -11.15 11.02 -7.04
N GLN B 80 -11.40 9.96 -7.78
CA GLN B 80 -10.58 8.74 -7.68
C GLN B 80 -9.18 8.93 -8.24
N ILE B 81 -9.06 9.56 -9.38
CA ILE B 81 -7.72 10.01 -9.87
C ILE B 81 -6.97 10.84 -8.83
N GLN B 82 -7.72 11.69 -8.11
CA GLN B 82 -7.14 12.59 -7.13
C GLN B 82 -6.55 11.83 -5.98
N LYS B 83 -7.27 10.83 -5.48
CA LYS B 83 -6.74 9.93 -4.45
C LYS B 83 -5.42 9.21 -4.89
N LEU B 84 -5.36 8.81 -6.15
CA LEU B 84 -4.12 8.23 -6.71
C LEU B 84 -2.96 9.22 -6.71
N ILE B 85 -3.26 10.49 -7.01
CA ILE B 85 -2.23 11.54 -7.02
C ILE B 85 -1.73 11.80 -5.56
N GLU B 86 -2.66 11.85 -4.59
CA GLU B 86 -2.35 12.00 -3.17
C GLU B 86 -1.58 10.83 -2.58
N ALA B 87 -1.90 9.61 -3.00
CA ALA B 87 -1.07 8.46 -2.61
C ALA B 87 0.34 8.48 -3.23
N GLY B 88 0.71 9.52 -3.98
CA GLY B 88 2.08 9.65 -4.52
C GLY B 88 2.37 8.92 -5.79
N ALA B 89 1.34 8.54 -6.55
CA ALA B 89 1.60 7.69 -7.75
C ALA B 89 2.46 8.33 -8.88
N LEU B 90 2.43 9.63 -9.02
CA LEU B 90 3.00 10.23 -10.23
C LEU B 90 4.44 10.08 -10.40
N SER B 91 5.17 10.25 -9.29
CA SER B 91 6.61 10.21 -9.35
C SER B 91 7.18 8.83 -9.75
N PRO B 92 6.76 7.73 -9.09
CA PRO B 92 7.20 6.47 -9.55
C PRO B 92 6.77 6.09 -10.98
N LEU B 93 5.58 6.51 -11.44
CA LEU B 93 5.13 6.24 -12.78
C LEU B 93 5.95 6.93 -13.82
N VAL B 94 6.24 8.20 -13.57
CA VAL B 94 7.17 8.91 -14.42
C VAL B 94 8.53 8.22 -14.48
N LYS B 95 9.06 7.85 -13.33
CA LYS B 95 10.36 7.16 -13.23
C LYS B 95 10.44 5.88 -14.11
N LEU B 96 9.34 5.14 -14.18
CA LEU B 96 9.29 3.92 -15.02
C LEU B 96 9.46 4.17 -16.51
N LEU B 97 9.08 5.34 -17.00
CA LEU B 97 9.20 5.70 -18.42
C LEU B 97 10.56 5.63 -19.00
N ASP B 98 11.60 5.68 -18.18
CA ASP B 98 12.95 5.40 -18.73
C ASP B 98 13.76 4.29 -18.08
N ASP B 99 13.35 3.82 -16.90
CA ASP B 99 14.16 2.86 -16.12
C ASP B 99 13.60 1.43 -16.12
N ALA B 100 12.71 1.11 -17.05
CA ALA B 100 11.98 -0.18 -17.00
C ALA B 100 11.78 -0.72 -18.39
N SER B 101 11.27 -1.96 -18.50
CA SER B 101 11.13 -2.63 -19.82
C SER B 101 9.97 -2.05 -20.58
N GLU B 102 9.97 -2.18 -21.91
CA GLU B 102 8.86 -1.66 -22.76
C GLU B 102 7.52 -2.21 -22.32
N GLU B 103 7.54 -3.43 -21.80
CA GLU B 103 6.35 -4.07 -21.33
C GLU B 103 5.76 -3.26 -20.21
N VAL B 104 6.60 -2.84 -19.26
CA VAL B 104 6.13 -2.07 -18.08
C VAL B 104 5.73 -0.66 -18.53
N ILE B 105 6.55 -0.08 -19.37
CA ILE B 105 6.38 1.26 -19.85
C ILE B 105 5.03 1.45 -20.51
N LYS B 106 4.53 0.47 -21.27
CA LYS B 106 3.24 0.58 -21.94
C LYS B 106 2.14 0.79 -20.96
N GLU B 107 2.27 0.13 -19.82
CA GLU B 107 1.34 0.20 -18.72
C GLU B 107 1.43 1.52 -17.96
N ALA B 108 2.66 2.00 -17.81
CA ALA B 108 2.92 3.26 -17.20
C ALA B 108 2.31 4.33 -18.03
N VAL B 109 2.46 4.22 -19.34
CA VAL B 109 1.99 5.24 -20.24
C VAL B 109 0.49 5.29 -20.17
N TRP B 110 -0.12 4.10 -20.13
CA TRP B 110 -1.57 3.99 -20.02
C TRP B 110 -2.05 4.65 -18.74
N ALA B 111 -1.42 4.32 -17.61
CA ALA B 111 -1.72 5.00 -16.31
C ALA B 111 -1.66 6.51 -16.40
N ILE B 112 -0.59 6.96 -17.03
CA ILE B 112 -0.36 8.34 -17.16
C ILE B 112 -1.29 9.01 -18.08
N ALA B 113 -1.67 8.37 -19.22
CA ALA B 113 -2.67 8.99 -20.05
C ALA B 113 -3.97 9.21 -19.25
N ASN B 114 -4.38 8.19 -18.51
CA ASN B 114 -5.70 8.27 -17.81
C ASN B 114 -5.73 9.35 -16.78
N ILE B 115 -4.58 9.50 -16.08
CA ILE B 115 -4.47 10.59 -15.11
C ILE B 115 -4.62 11.92 -15.82
N ALA B 116 -4.06 12.03 -17.02
CA ALA B 116 -4.14 13.20 -17.86
C ALA B 116 -5.48 13.42 -18.50
N SER B 117 -6.39 12.46 -18.28
CA SER B 117 -7.74 12.57 -18.78
C SER B 117 -8.61 13.15 -17.65
N GLY B 118 -7.95 13.53 -16.55
CA GLY B 118 -8.59 14.15 -15.42
C GLY B 118 -8.72 15.61 -15.70
N ASN B 119 -8.90 16.41 -14.67
CA ASN B 119 -8.99 17.87 -14.87
C ASN B 119 -7.60 18.56 -15.09
N ASN B 120 -7.63 19.86 -15.35
CA ASN B 120 -6.43 20.67 -15.60
C ASN B 120 -5.41 20.74 -14.46
N GLU B 121 -5.89 20.71 -13.24
CA GLU B 121 -5.04 20.73 -12.04
C GLU B 121 -4.33 19.41 -11.93
N GLN B 122 -5.02 18.34 -12.32
CA GLN B 122 -4.41 16.99 -12.35
C GLN B 122 -3.46 16.84 -13.48
N ILE B 123 -3.71 17.51 -14.58
CA ILE B 123 -2.72 17.51 -15.69
C ILE B 123 -1.48 18.31 -15.24
N GLN B 124 -1.70 19.37 -14.46
CA GLN B 124 -0.63 20.22 -13.91
C GLN B 124 0.25 19.43 -13.01
N LYS B 125 -0.34 18.54 -12.25
CA LYS B 125 0.44 17.64 -11.36
C LYS B 125 1.32 16.64 -12.16
N LEU B 126 0.78 16.13 -13.29
CA LEU B 126 1.56 15.31 -14.15
C LEU B 126 2.77 16.11 -14.66
N ILE B 127 2.57 17.32 -15.10
CA ILE B 127 3.72 18.17 -15.61
C ILE B 127 4.81 18.36 -14.53
N GLU B 128 4.36 18.76 -13.34
CA GLU B 128 5.24 19.03 -12.20
C GLU B 128 5.95 17.80 -11.85
N ALA B 129 5.38 16.64 -12.14
CA ALA B 129 6.07 15.39 -11.87
C ALA B 129 7.10 15.07 -12.96
N GLY B 130 7.22 15.89 -13.99
CA GLY B 130 8.23 15.66 -14.99
C GLY B 130 7.87 14.67 -16.06
N ALA B 131 6.57 14.48 -16.29
CA ALA B 131 6.11 13.54 -17.28
C ALA B 131 6.44 13.88 -18.69
N LEU B 132 6.59 15.14 -19.00
CA LEU B 132 6.44 15.53 -20.40
C LEU B 132 7.61 15.10 -21.21
N SER B 133 8.82 15.24 -20.66
CA SER B 133 10.03 14.89 -21.41
C SER B 133 10.21 13.40 -21.70
N PRO B 134 10.10 12.50 -20.68
CA PRO B 134 10.14 11.08 -21.02
C PRO B 134 9.01 10.59 -21.97
N LEU B 135 7.84 11.18 -21.91
CA LEU B 135 6.80 10.87 -22.86
C LEU B 135 7.15 11.24 -24.30
N VAL B 136 7.63 12.46 -24.47
CA VAL B 136 8.09 12.91 -25.80
C VAL B 136 9.21 12.07 -26.35
N LYS B 137 10.17 11.73 -25.50
CA LYS B 137 11.29 10.90 -25.93
C LYS B 137 10.86 9.54 -26.47
N LEU B 138 9.78 9.00 -25.89
CA LEU B 138 9.30 7.68 -26.31
C LEU B 138 8.91 7.66 -27.78
N LEU B 139 8.51 8.80 -28.30
CA LEU B 139 7.99 8.91 -29.69
C LEU B 139 9.05 8.64 -30.72
N ASP B 140 10.30 8.92 -30.36
CA ASP B 140 11.43 8.57 -31.23
C ASP B 140 12.04 7.21 -30.91
N ASP B 141 11.91 6.78 -29.65
CA ASP B 141 12.69 5.66 -29.13
C ASP B 141 11.96 4.33 -28.91
N ALA B 142 10.64 4.29 -29.02
CA ALA B 142 9.88 3.10 -28.63
C ALA B 142 9.12 2.44 -29.79
N SER B 143 8.67 1.22 -29.56
CA SER B 143 7.93 0.43 -30.56
C SER B 143 6.58 1.11 -30.86
N GLU B 144 6.08 0.89 -32.04
CA GLU B 144 4.86 1.52 -32.49
C GLU B 144 3.72 1.31 -31.51
N GLU B 145 3.63 0.12 -30.93
CA GLU B 145 2.72 -0.18 -29.83
C GLU B 145 2.80 0.82 -28.69
N VAL B 146 4.01 1.08 -28.21
CA VAL B 146 4.20 2.00 -27.08
C VAL B 146 3.94 3.40 -27.55
N ILE B 147 4.34 3.70 -28.78
CA ILE B 147 4.20 5.03 -29.30
C ILE B 147 2.75 5.43 -29.41
N LYS B 148 1.92 4.47 -29.78
CA LYS B 148 0.51 4.73 -29.92
C LYS B 148 -0.08 5.17 -28.59
N GLU B 149 0.33 4.56 -27.48
CA GLU B 149 -0.23 4.98 -26.16
C GLU B 149 0.37 6.27 -25.65
N ALA B 150 1.66 6.47 -25.91
CA ALA B 150 2.31 7.80 -25.64
C ALA B 150 1.65 8.94 -26.41
N VAL B 151 1.40 8.76 -27.70
CA VAL B 151 0.76 9.82 -28.38
C VAL B 151 -0.61 10.15 -27.72
N TRP B 152 -1.33 9.14 -27.25
CA TRP B 152 -2.62 9.38 -26.62
C TRP B 152 -2.46 10.10 -25.24
N ALA B 153 -1.44 9.73 -24.48
CA ALA B 153 -1.09 10.55 -23.30
C ALA B 153 -0.79 12.05 -23.61
N ILE B 154 -0.04 12.25 -24.66
CA ILE B 154 0.32 13.58 -25.08
C ILE B 154 -0.86 14.35 -25.53
N ALA B 155 -1.74 13.71 -26.28
CA ALA B 155 -2.96 14.39 -26.65
C ALA B 155 -3.81 14.84 -25.46
N ASN B 156 -3.86 14.05 -24.43
CA ASN B 156 -4.73 14.39 -23.26
C ASN B 156 -4.12 15.60 -22.52
N ILE B 157 -2.79 15.59 -22.45
CA ILE B 157 -2.07 16.80 -22.00
C ILE B 157 -2.39 18.02 -22.85
N ALA B 158 -2.34 17.86 -24.17
CA ALA B 158 -2.75 18.90 -25.11
C ALA B 158 -4.19 19.41 -25.08
N SER B 159 -5.09 18.75 -24.38
CA SER B 159 -6.48 19.19 -24.17
C SER B 159 -6.63 20.10 -22.96
N GLY B 160 -5.56 20.27 -22.23
CA GLY B 160 -5.50 21.13 -21.07
C GLY B 160 -5.41 22.53 -21.53
N ASN B 161 -5.00 23.43 -20.67
CA ASN B 161 -5.06 24.87 -21.01
C ASN B 161 -3.76 25.34 -21.73
N ASN B 162 -3.72 26.59 -22.14
CA ASN B 162 -2.68 27.07 -23.00
C ASN B 162 -1.34 27.01 -22.31
N GLU B 163 -1.26 27.21 -20.99
CA GLU B 163 0.05 27.16 -20.36
C GLU B 163 0.52 25.75 -20.54
N GLN B 164 -0.44 24.79 -20.46
CA GLN B 164 -0.08 23.36 -20.49
C GLN B 164 0.42 22.95 -21.85
N ILE B 165 -0.13 23.56 -22.87
CA ILE B 165 0.19 23.16 -24.23
C ILE B 165 1.56 23.70 -24.58
N GLN B 166 1.88 24.83 -23.96
CA GLN B 166 3.15 25.44 -24.16
C GLN B 166 4.24 24.64 -23.51
N LYS B 167 3.94 24.07 -22.37
CA LYS B 167 4.89 23.12 -21.82
C LYS B 167 5.19 21.91 -22.73
N LEU B 168 4.17 21.38 -23.40
CA LEU B 168 4.43 20.31 -24.33
C LEU B 168 5.35 20.72 -25.43
N ILE B 169 5.10 21.91 -25.95
CA ILE B 169 5.90 22.46 -27.03
C ILE B 169 7.34 22.67 -26.64
N GLU B 170 7.52 23.12 -25.38
CA GLU B 170 8.81 23.30 -24.74
C GLU B 170 9.51 21.96 -24.53
N ALA B 171 8.72 20.91 -24.28
CA ALA B 171 9.32 19.63 -24.17
C ALA B 171 9.69 19.01 -25.53
N GLY B 172 9.43 19.72 -26.62
CA GLY B 172 9.83 19.22 -27.94
C GLY B 172 8.82 18.29 -28.60
N ALA B 173 7.53 18.36 -28.18
CA ALA B 173 6.50 17.48 -28.79
C ALA B 173 6.24 17.66 -30.27
N LEU B 174 6.46 18.86 -30.82
CA LEU B 174 5.97 19.12 -32.19
C LEU B 174 6.56 18.37 -33.36
N SER B 175 7.86 18.25 -33.42
CA SER B 175 8.50 17.64 -34.59
C SER B 175 8.29 16.16 -34.64
N PRO B 176 8.49 15.45 -33.50
CA PRO B 176 8.13 14.06 -33.41
C PRO B 176 6.65 13.83 -33.73
N LEU B 177 5.75 14.75 -33.38
CA LEU B 177 4.34 14.51 -33.67
C LEU B 177 4.07 14.71 -35.15
N VAL B 178 4.58 15.81 -35.69
CA VAL B 178 4.52 16.07 -37.11
C VAL B 178 5.11 14.89 -37.95
N LYS B 179 6.30 14.43 -37.56
CA LYS B 179 6.95 13.30 -38.22
C LYS B 179 6.06 12.03 -38.20
N LEU B 180 5.27 11.83 -37.13
CA LEU B 180 4.41 10.63 -37.03
C LEU B 180 3.26 10.62 -38.02
N LEU B 181 2.85 11.81 -38.46
CA LEU B 181 1.80 11.92 -39.46
C LEU B 181 2.19 11.19 -40.75
N ASP B 182 3.49 11.09 -41.04
CA ASP B 182 4.01 10.36 -42.23
C ASP B 182 4.58 8.97 -41.94
N ASP B 183 5.75 8.91 -41.32
CA ASP B 183 6.49 7.65 -41.18
C ASP B 183 5.93 6.83 -39.99
N ALA B 184 4.69 6.34 -40.15
CA ALA B 184 4.04 5.46 -39.14
C ALA B 184 2.78 4.76 -39.62
N SER B 185 2.31 3.79 -38.83
CA SER B 185 1.07 3.03 -39.09
C SER B 185 -0.19 3.87 -38.93
N GLU B 186 -1.28 3.45 -39.57
CA GLU B 186 -2.49 4.27 -39.71
C GLU B 186 -3.16 4.54 -38.33
N GLU B 187 -2.97 3.62 -37.40
CA GLU B 187 -3.53 3.78 -36.03
C GLU B 187 -2.76 4.89 -35.29
N VAL B 188 -1.47 5.02 -35.58
CA VAL B 188 -0.62 6.03 -34.95
C VAL B 188 -0.81 7.42 -35.52
N ILE B 189 -0.92 7.48 -36.85
CA ILE B 189 -1.25 8.69 -37.51
C ILE B 189 -2.54 9.25 -36.87
N LYS B 190 -3.54 8.38 -36.69
CA LYS B 190 -4.81 8.83 -36.16
C LYS B 190 -4.57 9.45 -34.80
N GLU B 191 -3.77 8.77 -33.97
CA GLU B 191 -3.53 9.29 -32.63
C GLU B 191 -2.78 10.62 -32.66
N ALA B 192 -1.87 10.75 -33.63
CA ALA B 192 -1.05 11.94 -33.82
C ALA B 192 -1.82 13.13 -34.31
N VAL B 193 -2.81 12.91 -35.15
CA VAL B 193 -3.51 14.05 -35.67
C VAL B 193 -4.39 14.64 -34.62
N TRP B 194 -4.98 13.76 -33.79
CA TRP B 194 -5.82 14.15 -32.68
C TRP B 194 -5.04 14.98 -31.68
N ALA B 195 -3.81 14.60 -31.42
CA ALA B 195 -2.94 15.44 -30.53
C ALA B 195 -2.68 16.83 -31.13
N ILE B 196 -2.41 16.85 -32.43
CA ILE B 196 -2.17 18.09 -33.15
C ILE B 196 -3.42 18.95 -33.23
N ALA B 197 -4.58 18.31 -33.38
CA ALA B 197 -5.84 19.07 -33.36
C ALA B 197 -6.01 19.78 -32.03
N ASN B 198 -5.76 19.08 -30.93
CA ASN B 198 -5.78 19.78 -29.61
C ASN B 198 -4.82 20.97 -29.52
N ILE B 199 -3.56 20.78 -29.91
CA ILE B 199 -2.58 21.89 -29.94
C ILE B 199 -3.04 23.08 -30.80
N ALA B 200 -3.57 22.74 -31.96
CA ALA B 200 -4.11 23.68 -32.96
C ALA B 200 -5.29 24.51 -32.45
N SER B 201 -5.95 24.05 -31.39
CA SER B 201 -6.96 24.87 -30.70
C SER B 201 -6.32 25.84 -29.73
N GLY B 202 -4.99 25.90 -29.69
CA GLY B 202 -4.28 26.83 -28.79
C GLY B 202 -4.38 28.27 -29.24
N ASN B 203 -3.50 29.11 -28.72
CA ASN B 203 -3.44 30.51 -29.14
C ASN B 203 -2.56 30.67 -30.37
N ASN B 204 -2.42 31.90 -30.85
CA ASN B 204 -1.86 32.10 -32.18
C ASN B 204 -0.35 31.87 -32.23
N GLU B 205 0.34 32.01 -31.11
CA GLU B 205 1.74 31.66 -31.11
C GLU B 205 1.93 30.16 -31.37
N MET B 206 0.99 29.36 -30.86
CA MET B 206 1.10 27.88 -30.88
C MET B 206 0.74 27.35 -32.25
N LYS B 207 -0.25 27.98 -32.87
CA LYS B 207 -0.58 27.73 -34.24
C LYS B 207 0.70 27.98 -35.02
N GLN B 208 1.27 29.15 -34.85
CA GLN B 208 2.49 29.53 -35.56
C GLN B 208 3.58 28.49 -35.33
N LYS B 209 3.71 28.00 -34.10
CA LYS B 209 4.69 26.93 -33.81
C LYS B 209 4.35 25.69 -34.58
N LEU B 210 3.06 25.34 -34.55
CA LEU B 210 2.52 24.29 -35.41
C LEU B 210 2.86 24.50 -36.89
N GLU B 211 2.56 25.67 -37.44
CA GLU B 211 2.91 25.95 -38.85
C GLU B 211 4.42 25.85 -39.05
N GLU B 212 5.22 26.37 -38.12
CA GLU B 212 6.67 26.25 -38.26
C GLU B 212 7.09 24.78 -38.34
N ALA B 213 6.53 23.96 -37.47
CA ALA B 213 6.95 22.57 -37.37
C ALA B 213 6.63 21.76 -38.63
N GLY B 214 5.88 22.37 -39.56
CA GLY B 214 5.58 21.73 -40.85
C GLY B 214 4.27 21.00 -40.86
N ALA B 215 3.40 21.31 -39.90
CA ALA B 215 2.16 20.58 -39.69
C ALA B 215 1.14 20.71 -40.82
N LEU B 216 1.02 21.89 -41.43
CA LEU B 216 -0.08 22.11 -42.40
C LEU B 216 0.02 21.25 -43.66
N PRO B 217 1.21 21.18 -44.28
CA PRO B 217 1.39 20.28 -45.45
C PRO B 217 1.12 18.84 -45.10
N ALA B 218 1.60 18.39 -43.94
CA ALA B 218 1.39 17.00 -43.51
C ALA B 218 -0.07 16.69 -43.32
N LEU B 219 -0.82 17.65 -42.77
CA LEU B 219 -2.27 17.50 -42.59
C LEU B 219 -3.08 17.60 -43.91
N GLU B 220 -2.69 18.54 -44.78
CA GLU B 220 -3.27 18.68 -46.10
C GLU B 220 -2.95 17.45 -46.94
N LYS B 221 -1.71 17.03 -46.90
CA LYS B 221 -1.20 15.98 -47.76
C LYS B 221 -1.92 14.69 -47.53
N LEU B 222 -1.94 14.35 -46.26
CA LEU B 222 -2.40 13.07 -45.80
C LEU B 222 -3.74 13.25 -45.11
N GLN B 223 -4.44 14.33 -45.42
CA GLN B 223 -5.89 14.30 -45.31
C GLN B 223 -6.33 13.25 -46.37
N SER B 224 -5.85 13.41 -47.60
CA SER B 224 -6.34 12.58 -48.71
C SER B 224 -5.65 11.21 -48.65
N HIS B 225 -6.01 10.38 -47.66
CA HIS B 225 -5.20 9.21 -47.28
C HIS B 225 -6.00 7.92 -47.49
N ALA B 226 -5.32 6.80 -47.63
CA ALA B 226 -6.03 5.53 -47.78
C ALA B 226 -7.25 5.45 -46.85
N ASN B 227 -7.01 5.46 -45.55
CA ASN B 227 -8.09 5.57 -44.58
C ASN B 227 -8.79 6.92 -44.60
N GLU B 228 -10.10 6.88 -44.85
CA GLU B 228 -10.88 8.10 -44.88
C GLU B 228 -11.43 8.49 -43.50
N GLU B 229 -11.24 7.68 -42.44
CA GLU B 229 -11.51 8.17 -41.08
C GLU B 229 -10.43 9.15 -40.56
N VAL B 230 -9.20 8.93 -41.03
CA VAL B 230 -8.14 9.89 -40.76
C VAL B 230 -8.40 11.13 -41.62
N GLN B 231 -8.87 10.96 -42.86
CA GLN B 231 -9.26 12.13 -43.68
C GLN B 231 -10.11 13.06 -42.83
N LYS B 232 -11.17 12.52 -42.23
CA LYS B 232 -12.13 13.27 -41.42
C LYS B 232 -11.48 14.01 -40.25
N ASN B 233 -10.60 13.33 -39.54
CA ASN B 233 -9.92 13.93 -38.40
C ASN B 233 -8.81 14.88 -38.81
N ALA B 234 -8.11 14.55 -39.89
CA ALA B 234 -7.15 15.46 -40.48
C ALA B 234 -7.86 16.77 -40.92
N GLN B 235 -9.08 16.65 -41.43
CA GLN B 235 -9.88 17.81 -41.81
C GLN B 235 -10.05 18.74 -40.64
N ALA B 236 -10.57 18.19 -39.57
CA ALA B 236 -10.95 18.95 -38.39
C ALA B 236 -9.76 19.55 -37.67
N ALA B 237 -8.59 18.92 -37.81
CA ALA B 237 -7.38 19.50 -37.29
C ALA B 237 -7.03 20.78 -38.07
N LEU B 238 -7.27 20.80 -39.39
CA LEU B 238 -7.05 22.01 -40.18
C LEU B 238 -8.09 23.08 -39.90
N GLU B 239 -9.34 22.66 -39.71
CA GLU B 239 -10.38 23.62 -39.35
CA GLU B 239 -10.40 23.60 -39.34
C GLU B 239 -10.07 24.22 -37.99
N ALA B 240 -9.66 23.37 -37.03
CA ALA B 240 -9.25 23.85 -35.69
C ALA B 240 -8.04 24.79 -35.74
N PHE B 241 -7.18 24.58 -36.72
CA PHE B 241 -6.06 25.46 -36.93
C PHE B 241 -6.51 26.82 -37.46
N ASN B 242 -7.73 26.91 -37.96
CA ASN B 242 -8.06 28.18 -38.60
C ASN B 242 -6.99 28.57 -39.61
N SER B 243 -6.35 29.62 -39.49
N ARG C 1 -7.98 -7.60 -21.25
CA ARG C 1 -6.56 -7.87 -20.89
C ARG C 1 -6.05 -9.07 -21.71
N ARG C 2 -4.81 -8.97 -22.21
CA ARG C 2 -4.22 -10.09 -22.89
C ARG C 2 -4.32 -11.14 -21.77
N ARG C 3 -4.32 -12.42 -22.15
CA ARG C 3 -4.68 -13.53 -21.26
C ARG C 3 -3.57 -14.59 -21.17
N ARG C 4 -2.59 -14.31 -20.29
CA ARG C 4 -1.45 -15.19 -19.97
C ARG C 4 -1.77 -15.96 -18.70
N ARG C 5 -1.32 -17.19 -18.59
CA ARG C 5 -1.54 -17.94 -17.34
CA ARG C 5 -1.61 -18.01 -17.40
C ARG C 5 -0.55 -19.08 -17.11
N ARG C 6 -0.33 -19.33 -15.83
CA ARG C 6 0.60 -20.36 -15.30
C ARG C 6 -0.12 -21.45 -14.48
N ARG C 7 0.21 -22.71 -14.70
CA ARG C 7 -0.42 -23.84 -13.99
C ARG C 7 0.55 -24.64 -13.12
N ARG C 8 0.02 -25.32 -12.13
CA ARG C 8 0.76 -26.37 -11.43
C ARG C 8 1.00 -27.70 -12.20
N ARG C 9 -0.07 -28.49 -12.38
CA ARG C 9 0.02 -30.00 -12.42
C ARG C 9 -0.51 -30.59 -11.10
N ARG D 1 -9.98 20.29 -28.56
CA ARG D 1 -9.25 19.56 -27.50
C ARG D 1 -10.06 18.29 -27.11
N ARG D 2 -9.52 17.09 -27.43
CA ARG D 2 -10.17 15.83 -27.05
C ARG D 2 -9.34 15.23 -25.90
N ARG D 3 -10.05 14.59 -24.99
CA ARG D 3 -9.55 14.22 -23.66
C ARG D 3 -10.31 12.92 -23.36
N ARG D 4 -9.58 11.84 -23.20
CA ARG D 4 -10.07 10.48 -23.24
C ARG D 4 -9.55 9.57 -22.18
N ARG D 5 -10.45 9.11 -21.30
CA ARG D 5 -10.16 8.02 -20.33
C ARG D 5 -10.36 6.57 -20.79
N ARG D 6 -9.35 5.68 -20.70
CA ARG D 6 -9.66 4.25 -20.99
C ARG D 6 -9.55 3.32 -19.82
N ARG D 7 -10.71 2.76 -19.45
CA ARG D 7 -10.75 1.57 -18.61
C ARG D 7 -10.54 0.28 -19.41
N ARG D 8 -9.87 -0.71 -18.77
CA ARG D 8 -9.52 -2.00 -19.40
C ARG D 8 -9.96 -3.29 -18.60
N ARG D 9 -10.64 -4.22 -19.27
CA ARG D 9 -11.10 -5.46 -18.61
C ARG D 9 -10.07 -6.59 -18.66
N GLU E 5 -28.85 36.53 18.60
CA GLU E 5 -27.55 37.27 18.52
C GLU E 5 -26.44 36.57 17.75
N LEU E 6 -26.11 35.35 18.17
CA LEU E 6 -25.25 34.50 17.41
C LEU E 6 -25.87 34.06 16.12
N PRO E 7 -27.22 33.78 16.09
CA PRO E 7 -27.78 33.35 14.81
C PRO E 7 -27.70 34.44 13.75
N GLN E 8 -27.85 35.68 14.15
CA GLN E 8 -27.74 36.84 13.24
C GLN E 8 -26.34 36.97 12.70
N MET E 9 -25.35 36.76 13.59
CA MET E 9 -23.92 36.76 13.19
C MET E 9 -23.68 35.65 12.17
N VAL E 10 -24.22 34.47 12.48
CA VAL E 10 -24.04 33.32 11.63
C VAL E 10 -24.67 33.60 10.24
N GLN E 11 -25.88 34.12 10.23
CA GLN E 11 -26.50 34.52 8.97
C GLN E 11 -25.59 35.46 8.20
N GLN E 12 -25.15 36.50 8.86
CA GLN E 12 -24.22 37.49 8.26
C GLN E 12 -22.91 36.99 7.63
N LEU E 13 -22.53 35.75 7.90
CA LEU E 13 -21.33 35.16 7.28
C LEU E 13 -21.58 34.89 5.82
N ASN E 14 -22.85 34.92 5.38
CA ASN E 14 -23.21 34.80 3.94
C ASN E 14 -23.65 36.11 3.37
N SER E 15 -23.42 37.19 4.09
CA SER E 15 -23.90 38.52 3.67
C SER E 15 -23.20 38.90 2.36
N PRO E 16 -23.92 39.61 1.44
CA PRO E 16 -23.27 40.06 0.19
C PRO E 16 -22.29 41.23 0.35
N ASP E 17 -22.44 41.98 1.44
CA ASP E 17 -21.59 43.12 1.77
C ASP E 17 -20.31 42.58 2.47
N GLN E 18 -19.12 42.88 1.91
CA GLN E 18 -17.88 42.47 2.59
C GLN E 18 -17.71 43.10 3.99
N GLN E 19 -18.17 44.31 4.22
CA GLN E 19 -18.01 44.92 5.58
C GLN E 19 -18.89 44.24 6.66
N GLU E 20 -20.15 43.90 6.37
CA GLU E 20 -21.00 43.20 7.38
C GLU E 20 -20.45 41.77 7.62
N LEU E 21 -19.94 41.14 6.57
CA LEU E 21 -19.27 39.87 6.68
C LEU E 21 -18.05 39.99 7.59
N GLN E 22 -17.12 40.87 7.21
CA GLN E 22 -15.85 41.01 7.89
C GLN E 22 -16.06 41.35 9.34
N SER E 23 -17.08 42.16 9.63
CA SER E 23 -17.48 42.45 11.01
C SER E 23 -18.12 41.28 11.73
N ALA E 24 -18.94 40.54 11.01
CA ALA E 24 -19.51 39.31 11.57
C ALA E 24 -18.43 38.27 11.93
N LEU E 25 -17.53 38.08 10.99
CA LEU E 25 -16.42 37.19 11.18
C LEU E 25 -15.62 37.57 12.41
N ARG E 26 -15.41 38.85 12.63
CA ARG E 26 -14.56 39.34 13.79
C ARG E 26 -15.24 38.87 14.99
N LYS E 27 -16.53 39.12 15.04
CA LYS E 27 -17.26 38.89 16.30
C LYS E 27 -17.17 37.36 16.61
N LEU E 28 -17.20 36.56 15.57
CA LEU E 28 -17.08 35.14 15.71
C LEU E 28 -15.68 34.69 16.16
N SER E 29 -14.61 35.21 15.55
CA SER E 29 -13.25 34.98 16.06
C SER E 29 -13.15 35.37 17.55
N GLN E 30 -13.69 36.53 17.92
CA GLN E 30 -13.64 37.00 19.33
C GLN E 30 -14.19 35.90 20.19
N ILE E 31 -15.34 35.35 19.81
CA ILE E 31 -15.97 34.30 20.65
C ILE E 31 -15.14 33.01 20.67
N ALA E 32 -14.54 32.69 19.52
CA ALA E 32 -13.92 31.42 19.31
C ALA E 32 -12.60 31.30 20.09
N SER E 33 -12.03 32.44 20.42
CA SER E 33 -10.89 32.48 21.28
C SER E 33 -11.30 32.60 22.73
N GLY E 34 -12.59 32.56 23.03
CA GLY E 34 -13.06 32.65 24.50
C GLY E 34 -12.87 31.26 25.04
N GLY E 35 -13.40 30.80 26.17
CA GLY E 35 -13.15 29.37 26.40
C GLY E 35 -13.90 28.29 25.53
N ASN E 36 -13.80 27.01 25.91
CA ASN E 36 -14.50 25.89 25.24
C ASN E 36 -16.04 25.96 25.32
N GLU E 37 -16.53 26.70 26.32
CA GLU E 37 -17.96 26.99 26.48
C GLU E 37 -18.38 28.01 25.38
N GLN E 38 -17.54 29.01 25.13
CA GLN E 38 -17.75 29.90 24.04
C GLN E 38 -17.68 29.15 22.68
N ILE E 39 -16.69 28.29 22.49
CA ILE E 39 -16.73 27.45 21.30
C ILE E 39 -18.05 26.63 21.14
N GLN E 40 -18.52 25.99 22.21
CA GLN E 40 -19.76 25.23 22.23
C GLN E 40 -20.96 26.06 21.73
N LYS E 41 -20.99 27.36 22.05
CA LYS E 41 -22.09 28.20 21.56
C LYS E 41 -22.02 28.41 20.05
N LEU E 42 -20.80 28.56 19.52
CA LEU E 42 -20.61 28.67 18.10
C LEU E 42 -21.08 27.42 17.44
N ILE E 43 -20.65 26.28 17.97
CA ILE E 43 -21.07 25.06 17.36
C ILE E 43 -22.62 24.92 17.36
N GLU E 44 -23.23 25.17 18.52
CA GLU E 44 -24.67 25.02 18.67
C GLU E 44 -25.47 26.06 17.95
N ALA E 45 -24.83 27.16 17.57
CA ALA E 45 -25.46 28.12 16.71
C ALA E 45 -25.30 27.85 15.19
N GLY E 46 -24.62 26.79 14.79
CA GLY E 46 -24.46 26.48 13.36
C GLY E 46 -23.35 27.26 12.66
N ALA E 47 -22.44 27.86 13.42
CA ALA E 47 -21.30 28.64 12.83
C ALA E 47 -20.27 27.92 11.96
N LEU E 48 -20.10 26.65 12.21
CA LEU E 48 -19.02 25.89 11.67
C LEU E 48 -19.01 25.66 10.14
N SER E 49 -20.13 25.23 9.55
CA SER E 49 -20.19 25.02 8.12
C SER E 49 -19.92 26.28 7.30
N PRO E 50 -20.65 27.38 7.57
CA PRO E 50 -20.38 28.66 6.87
C PRO E 50 -18.97 29.24 7.08
N LEU E 51 -18.40 28.93 8.23
CA LEU E 51 -17.04 29.41 8.51
C LEU E 51 -15.99 28.67 7.66
N VAL E 52 -16.21 27.38 7.50
CA VAL E 52 -15.35 26.54 6.67
C VAL E 52 -15.54 26.91 5.20
N LYS E 53 -16.77 27.23 4.86
CA LYS E 53 -17.13 27.65 3.52
C LYS E 53 -16.42 28.96 3.13
N LEU E 54 -16.11 29.79 4.10
CA LEU E 54 -15.30 30.96 3.88
C LEU E 54 -13.82 30.70 3.55
N LEU E 55 -13.31 29.49 3.75
CA LEU E 55 -11.95 29.17 3.28
C LEU E 55 -11.73 29.26 1.76
N ASP E 56 -12.83 29.44 1.01
CA ASP E 56 -12.82 29.57 -0.45
C ASP E 56 -13.15 31.02 -0.92
N ASP E 57 -13.28 31.99 0.01
CA ASP E 57 -13.64 33.38 -0.37
C ASP E 57 -12.52 34.02 -1.17
N ALA E 58 -12.89 34.88 -2.10
CA ALA E 58 -11.98 35.56 -3.05
C ALA E 58 -10.83 36.39 -2.42
N SER E 59 -11.02 36.90 -1.19
CA SER E 59 -9.93 37.66 -0.52
C SER E 59 -9.38 36.87 0.65
N GLU E 60 -8.04 36.83 0.71
CA GLU E 60 -7.31 36.17 1.80
C GLU E 60 -7.44 36.96 3.11
N GLU E 61 -8.08 38.12 3.02
CA GLU E 61 -8.45 38.91 4.20
C GLU E 61 -9.54 38.22 5.03
N VAL E 62 -10.52 37.69 4.33
CA VAL E 62 -11.57 36.93 4.94
C VAL E 62 -10.98 35.60 5.40
N ILE E 63 -10.25 34.96 4.48
CA ILE E 63 -9.73 33.62 4.68
C ILE E 63 -8.80 33.55 5.87
N LYS E 64 -7.92 34.51 6.03
CA LYS E 64 -6.99 34.54 7.17
C LYS E 64 -7.72 34.56 8.51
N GLU E 65 -8.76 35.39 8.54
CA GLU E 65 -9.60 35.57 9.74
C GLU E 65 -10.32 34.27 10.03
N ALA E 66 -10.78 33.58 8.98
CA ALA E 66 -11.59 32.38 9.18
C ALA E 66 -10.66 31.29 9.68
N VAL E 67 -9.45 31.20 9.14
CA VAL E 67 -8.53 30.14 9.58
C VAL E 67 -8.12 30.37 11.03
N TRP E 68 -7.81 31.61 11.38
CA TRP E 68 -7.56 31.96 12.74
C TRP E 68 -8.66 31.44 13.68
N ALA E 69 -9.94 31.72 13.36
CA ALA E 69 -11.09 31.20 14.18
C ALA E 69 -11.15 29.70 14.26
N ILE E 70 -10.97 29.04 13.13
CA ILE E 70 -10.84 27.60 13.03
C ILE E 70 -9.68 27.06 13.84
N ALA E 71 -8.50 27.70 13.77
CA ALA E 71 -7.41 27.32 14.67
C ALA E 71 -7.89 27.34 16.13
N ASN E 72 -8.66 28.35 16.51
CA ASN E 72 -9.09 28.49 17.94
C ASN E 72 -10.12 27.50 18.33
N ILE E 73 -11.10 27.28 17.48
CA ILE E 73 -12.08 26.25 17.69
C ILE E 73 -11.44 24.87 17.88
N ALA E 74 -10.40 24.57 17.12
CA ALA E 74 -9.72 23.28 17.28
C ALA E 74 -8.88 23.23 18.55
N SER E 75 -8.76 24.36 19.24
CA SER E 75 -8.10 24.36 20.56
C SER E 75 -9.06 23.94 21.65
N GLY E 76 -10.29 23.61 21.23
CA GLY E 76 -11.28 23.07 22.12
C GLY E 76 -11.18 21.57 22.29
N ASN E 77 -12.22 20.93 22.85
CA ASN E 77 -12.11 19.53 23.18
C ASN E 77 -12.26 18.69 21.94
N ASN E 78 -12.12 17.37 22.11
CA ASN E 78 -12.02 16.48 20.95
C ASN E 78 -13.39 16.34 20.24
N GLU E 79 -14.49 16.51 21.01
CA GLU E 79 -15.83 16.54 20.43
C GLU E 79 -15.95 17.79 19.54
N GLN E 80 -15.36 18.89 20.01
CA GLN E 80 -15.36 20.11 19.23
C GLN E 80 -14.48 20.06 17.98
N ILE E 81 -13.28 19.53 18.08
CA ILE E 81 -12.53 19.15 16.88
C ILE E 81 -13.35 18.29 15.89
N GLN E 82 -14.11 17.33 16.43
CA GLN E 82 -14.85 16.37 15.62
C GLN E 82 -15.91 17.06 14.80
N LYS E 83 -16.62 18.00 15.43
CA LYS E 83 -17.55 18.90 14.73
C LYS E 83 -16.90 19.70 13.57
N LEU E 84 -15.67 20.15 13.76
CA LEU E 84 -14.90 20.84 12.70
C LEU E 84 -14.59 19.91 11.52
N ILE E 85 -14.23 18.66 11.83
CA ILE E 85 -13.91 17.67 10.81
C ILE E 85 -15.20 17.35 10.00
N GLU E 86 -16.35 17.17 10.69
CA GLU E 86 -17.64 16.92 10.06
C GLU E 86 -18.13 18.09 9.23
N ALA E 87 -17.89 19.32 9.69
CA ALA E 87 -18.18 20.47 8.82
C ALA E 87 -17.26 20.57 7.57
N GLY E 88 -16.35 19.63 7.34
CA GLY E 88 -15.54 19.58 6.12
C GLY E 88 -14.29 20.41 6.11
N ALA E 89 -13.80 20.78 7.30
CA ALA E 89 -12.66 21.69 7.37
C ALA E 89 -11.38 21.17 6.74
N LEU E 90 -11.14 19.86 6.73
CA LEU E 90 -9.77 19.37 6.48
C LEU E 90 -9.27 19.57 5.11
N SER E 91 -10.17 19.39 4.15
CA SER E 91 -9.80 19.52 2.76
C SER E 91 -9.40 20.92 2.34
N PRO E 92 -10.22 21.96 2.65
CA PRO E 92 -9.76 23.29 2.34
C PRO E 92 -8.46 23.73 3.09
N LEU E 93 -8.29 23.31 4.36
CA LEU E 93 -7.13 23.65 5.11
C LEU E 93 -5.90 23.08 4.48
N VAL E 94 -5.97 21.79 4.18
CA VAL E 94 -4.83 21.15 3.49
C VAL E 94 -4.54 21.90 2.17
N LYS E 95 -5.59 22.25 1.42
CA LYS E 95 -5.41 23.00 0.15
C LYS E 95 -4.68 24.36 0.32
N LEU E 96 -4.89 25.05 1.44
CA LEU E 96 -4.16 26.31 1.70
C LEU E 96 -2.66 26.16 1.87
N LEU E 97 -2.20 24.98 2.32
CA LEU E 97 -0.76 24.72 2.53
C LEU E 97 0.13 24.90 1.31
N ASP E 98 -0.42 24.85 0.10
CA ASP E 98 0.37 25.24 -1.11
C ASP E 98 -0.21 26.33 -2.03
N ASP E 99 -1.49 26.69 -1.88
CA ASP E 99 -2.15 27.66 -2.75
C ASP E 99 -2.32 29.07 -2.15
N ALA E 100 -1.64 29.38 -1.04
CA ALA E 100 -1.93 30.62 -0.29
C ALA E 100 -0.66 31.22 0.24
N SER E 101 -0.74 32.45 0.75
CA SER E 101 0.47 33.19 1.19
C SER E 101 1.00 32.62 2.48
N GLU E 102 2.29 32.87 2.79
CA GLU E 102 2.88 32.37 4.04
C GLU E 102 2.07 32.85 5.27
N GLU E 103 1.48 34.04 5.15
CA GLU E 103 0.70 34.61 6.20
C GLU E 103 -0.50 33.71 6.54
N VAL E 104 -1.20 33.21 5.50
CA VAL E 104 -2.35 32.33 5.66
C VAL E 104 -1.89 30.94 6.07
N ILE E 105 -0.81 30.49 5.44
CA ILE E 105 -0.27 29.18 5.71
C ILE E 105 0.07 28.96 7.19
N LYS E 106 0.56 29.97 7.87
CA LYS E 106 0.96 29.83 9.24
C LYS E 106 -0.23 29.45 10.08
N GLU E 107 -1.36 30.02 9.69
CA GLU E 107 -2.61 29.84 10.39
C GLU E 107 -3.20 28.49 10.07
N ALA E 108 -3.05 28.08 8.81
CA ALA E 108 -3.50 26.75 8.35
C ALA E 108 -2.71 25.69 9.04
N VAL E 109 -1.41 25.93 9.24
CA VAL E 109 -0.57 25.00 9.93
C VAL E 109 -0.97 24.89 11.36
N TRP E 110 -1.33 26.04 11.94
CA TRP E 110 -1.79 26.05 13.33
C TRP E 110 -3.08 25.30 13.56
N ALA E 111 -4.09 25.59 12.74
CA ALA E 111 -5.32 24.78 12.67
C ALA E 111 -5.08 23.30 12.53
N ILE E 112 -4.17 22.95 11.64
CA ILE E 112 -3.88 21.59 11.40
C ILE E 112 -3.18 20.94 12.54
N ALA E 113 -2.24 21.64 13.19
CA ALA E 113 -1.58 21.04 14.33
C ALA E 113 -2.60 20.72 15.45
N ASN E 114 -3.47 21.66 15.76
CA ASN E 114 -4.45 21.45 16.85
C ASN E 114 -5.43 20.29 16.55
N ILE E 115 -5.84 20.17 15.29
CA ILE E 115 -6.65 19.03 14.89
C ILE E 115 -5.94 17.71 15.13
N ALA E 116 -4.65 17.66 14.79
CA ALA E 116 -3.75 16.53 15.11
C ALA E 116 -3.40 16.33 16.57
N SER E 117 -3.88 17.22 17.42
CA SER E 117 -3.68 17.08 18.83
C SER E 117 -4.81 16.26 19.36
N GLY E 118 -5.71 15.90 18.47
CA GLY E 118 -6.96 15.26 18.80
C GLY E 118 -6.63 13.83 18.94
N ASN E 119 -7.61 12.96 18.78
CA ASN E 119 -7.35 11.54 18.91
C ASN E 119 -6.75 10.96 17.63
N ASN E 120 -6.35 9.69 17.69
CA ASN E 120 -5.78 8.95 16.56
C ASN E 120 -6.68 8.80 15.31
N GLU E 121 -7.98 8.72 15.51
CA GLU E 121 -8.92 8.71 14.41
C GLU E 121 -8.95 10.05 13.71
N GLN E 122 -8.75 11.10 14.48
CA GLN E 122 -8.76 12.47 13.93
C GLN E 122 -7.46 12.70 13.23
N ILE E 123 -6.37 12.10 13.72
CA ILE E 123 -5.09 12.22 13.02
C ILE E 123 -5.23 11.48 11.72
N GLN E 124 -5.97 10.36 11.76
CA GLN E 124 -6.19 9.50 10.54
C GLN E 124 -6.88 10.28 9.51
N LYS E 125 -7.85 11.07 9.93
CA LYS E 125 -8.61 11.93 9.01
C LYS E 125 -7.73 12.99 8.39
N LEU E 126 -6.80 13.52 9.16
CA LEU E 126 -5.81 14.44 8.57
C LEU E 126 -4.94 13.77 7.47
N ILE E 127 -4.46 12.55 7.72
CA ILE E 127 -3.67 11.81 6.77
C ILE E 127 -4.43 11.52 5.43
N GLU E 128 -5.65 11.05 5.58
CA GLU E 128 -6.56 10.79 4.48
C GLU E 128 -6.86 12.07 3.70
N ALA E 129 -6.82 13.23 4.37
CA ALA E 129 -7.02 14.47 3.64
C ALA E 129 -5.76 14.87 2.89
N GLY E 130 -4.65 14.11 2.99
CA GLY E 130 -3.43 14.46 2.31
C GLY E 130 -2.60 15.58 2.96
N ALA E 131 -2.73 15.74 4.27
CA ALA E 131 -1.89 16.70 4.99
C ALA E 131 -0.38 16.48 5.01
N LEU E 132 0.06 15.24 4.93
CA LEU E 132 1.41 14.94 5.40
C LEU E 132 2.43 15.53 4.45
N SER E 133 2.16 15.39 3.16
CA SER E 133 3.13 15.81 2.16
C SER E 133 3.33 17.34 2.13
N PRO E 134 2.24 18.15 2.06
CA PRO E 134 2.50 19.58 2.07
C PRO E 134 3.13 20.07 3.39
N LEU E 135 2.89 19.40 4.51
CA LEU E 135 3.57 19.75 5.75
C LEU E 135 5.06 19.51 5.66
N VAL E 136 5.45 18.35 5.15
CA VAL E 136 6.84 17.98 5.06
C VAL E 136 7.56 18.95 4.15
N LYS E 137 6.92 19.36 3.09
CA LYS E 137 7.54 20.21 2.11
C LYS E 137 7.85 21.57 2.65
N LEU E 138 6.98 22.05 3.57
CA LEU E 138 7.18 23.32 4.20
C LEU E 138 8.52 23.42 4.94
N LEU E 139 9.03 22.30 5.45
CA LEU E 139 10.24 22.28 6.26
C LEU E 139 11.51 22.66 5.48
N ASP E 140 11.48 22.39 4.17
CA ASP E 140 12.57 22.84 3.29
C ASP E 140 12.27 24.18 2.63
N ASP E 141 10.99 24.51 2.48
CA ASP E 141 10.57 25.63 1.63
C ASP E 141 10.07 26.89 2.30
N ALA E 142 9.88 26.87 3.61
CA ALA E 142 9.23 28.02 4.28
C ALA E 142 10.15 28.73 5.27
N SER E 143 9.71 29.91 5.70
CA SER E 143 10.45 30.67 6.70
C SER E 143 10.51 29.94 8.02
N GLU E 144 11.53 30.23 8.82
CA GLU E 144 11.69 29.64 10.14
C GLU E 144 10.43 29.75 10.99
N GLU E 145 9.78 30.91 10.98
CA GLU E 145 8.50 31.11 11.64
C GLU E 145 7.46 30.04 11.24
N VAL E 146 7.33 29.76 9.95
CA VAL E 146 6.30 28.82 9.47
C VAL E 146 6.79 27.42 9.81
N ILE E 147 8.08 27.22 9.65
CA ILE E 147 8.68 25.93 9.95
C ILE E 147 8.50 25.48 11.39
N LYS E 148 8.56 26.42 12.28
CA LYS E 148 8.38 26.10 13.69
C LYS E 148 6.97 25.50 13.88
N GLU E 149 5.95 26.06 13.24
CA GLU E 149 4.58 25.54 13.48
C GLU E 149 4.37 24.22 12.76
N ALA E 150 4.95 24.09 11.57
CA ALA E 150 4.90 22.80 10.85
C ALA E 150 5.56 21.71 11.68
N VAL E 151 6.71 21.98 12.26
CA VAL E 151 7.41 20.93 12.98
C VAL E 151 6.56 20.50 14.14
N TRP E 152 5.85 21.43 14.74
CA TRP E 152 4.88 21.04 15.78
C TRP E 152 3.70 20.17 15.23
N ALA E 153 3.15 20.56 14.09
CA ALA E 153 2.02 19.71 13.50
C ALA E 153 2.52 18.31 13.24
N ILE E 154 3.76 18.23 12.74
CA ILE E 154 4.38 16.95 12.46
C ILE E 154 4.54 16.13 13.71
N ALA E 155 4.98 16.77 14.77
CA ALA E 155 5.12 16.08 16.03
C ALA E 155 3.85 15.57 16.58
N ASN E 156 2.72 16.26 16.37
CA ASN E 156 1.41 15.78 16.84
C ASN E 156 1.00 14.52 16.08
N ILE E 157 1.28 14.55 14.79
CA ILE E 157 1.07 13.40 13.97
C ILE E 157 1.93 12.24 14.46
N ALA E 158 3.21 12.51 14.76
CA ALA E 158 4.10 11.54 15.32
C ALA E 158 3.75 10.95 16.67
N SER E 159 2.77 11.52 17.36
CA SER E 159 2.25 11.01 18.67
C SER E 159 1.09 10.07 18.51
N GLY E 160 0.61 9.93 17.26
CA GLY E 160 -0.35 8.91 16.92
C GLY E 160 0.27 7.52 16.88
N ASN E 161 -0.35 6.59 16.19
CA ASN E 161 0.01 5.19 16.32
C ASN E 161 1.10 4.84 15.35
N ASN E 162 1.62 3.63 15.45
CA ASN E 162 2.78 3.23 14.62
C ASN E 162 2.48 3.25 13.14
N GLU E 163 1.23 2.96 12.75
CA GLU E 163 0.94 3.06 11.32
C GLU E 163 1.01 4.51 10.89
N GLN E 164 0.57 5.39 11.77
CA GLN E 164 0.57 6.81 11.50
C GLN E 164 1.98 7.40 11.39
N ILE E 165 2.89 6.91 12.21
CA ILE E 165 4.26 7.36 12.19
C ILE E 165 4.94 6.93 10.87
N GLN E 166 4.55 5.78 10.41
CA GLN E 166 5.14 5.17 9.22
C GLN E 166 4.67 5.94 8.01
N LYS E 167 3.45 6.43 8.03
CA LYS E 167 3.05 7.41 7.01
C LYS E 167 3.88 8.72 6.97
N LEU E 168 4.23 9.27 8.14
CA LEU E 168 5.20 10.40 8.17
C LEU E 168 6.54 10.10 7.52
N ILE E 169 7.10 8.96 7.87
CA ILE E 169 8.37 8.50 7.34
C ILE E 169 8.34 8.29 5.82
N GLU E 170 7.22 7.74 5.35
CA GLU E 170 6.95 7.57 3.93
C GLU E 170 6.83 8.92 3.24
N ALA E 171 6.29 9.89 3.94
CA ALA E 171 6.19 11.21 3.37
C ALA E 171 7.53 11.95 3.39
N GLY E 172 8.60 11.29 3.86
CA GLY E 172 9.96 11.89 3.81
C GLY E 172 10.31 12.78 4.99
N ALA E 173 9.58 12.66 6.11
CA ALA E 173 9.80 13.59 7.25
C ALA E 173 11.20 13.55 7.86
N LEU E 174 11.90 12.42 7.79
CA LEU E 174 13.09 12.21 8.62
C LEU E 174 14.34 13.07 8.35
N SER E 175 14.71 13.23 7.09
CA SER E 175 15.90 13.98 6.78
C SER E 175 15.73 15.47 7.05
N PRO E 176 14.63 16.07 6.55
CA PRO E 176 14.32 17.45 6.93
C PRO E 176 14.26 17.65 8.43
N LEU E 177 13.80 16.67 9.20
CA LEU E 177 13.74 16.86 10.65
C LEU E 177 15.13 16.81 11.22
N VAL E 178 15.86 15.79 10.81
CA VAL E 178 17.27 15.63 11.25
C VAL E 178 18.13 16.88 10.93
N LYS E 179 17.99 17.39 9.73
CA LYS E 179 18.67 18.61 9.30
C LYS E 179 18.33 19.82 10.16
N LEU E 180 17.09 19.89 10.64
CA LEU E 180 16.70 21.00 11.50
C LEU E 180 17.38 21.02 12.86
N LEU E 181 17.80 19.86 13.33
CA LEU E 181 18.51 19.78 14.62
C LEU E 181 19.81 20.60 14.60
N ASP E 182 20.39 20.78 13.41
CA ASP E 182 21.55 21.64 13.22
C ASP E 182 21.24 23.04 12.65
N ASP E 183 20.94 23.12 11.37
CA ASP E 183 20.91 24.40 10.67
C ASP E 183 19.57 25.12 10.94
N ALA E 184 19.39 25.56 12.19
CA ALA E 184 18.19 26.31 12.62
C ALA E 184 18.30 27.00 13.99
N SER E 185 17.32 27.89 14.28
CA SER E 185 17.17 28.57 15.58
C SER E 185 16.78 27.64 16.72
N GLU E 186 17.08 28.06 17.95
CA GLU E 186 16.94 27.19 19.12
C GLU E 186 15.48 26.76 19.34
N GLU E 187 14.54 27.61 18.96
CA GLU E 187 13.15 27.27 19.15
C GLU E 187 12.76 26.15 18.25
N VAL E 188 13.36 26.14 17.07
CA VAL E 188 13.03 25.13 16.06
C VAL E 188 13.64 23.80 16.41
N ILE E 189 14.89 23.83 16.81
CA ILE E 189 15.63 22.67 17.25
C ILE E 189 14.79 22.01 18.32
N LYS E 190 14.35 22.79 19.29
CA LYS E 190 13.48 22.26 20.33
C LYS E 190 12.34 21.51 19.66
N GLU E 191 11.71 22.14 18.66
CA GLU E 191 10.45 21.56 18.19
C GLU E 191 10.76 20.24 17.50
N ALA E 192 11.88 20.25 16.80
CA ALA E 192 12.34 19.16 16.00
C ALA E 192 12.70 17.99 16.85
N VAL E 193 13.26 18.24 18.00
CA VAL E 193 13.75 17.13 18.79
C VAL E 193 12.57 16.43 19.34
N TRP E 194 11.54 17.19 19.67
CA TRP E 194 10.28 16.63 20.25
C TRP E 194 9.60 15.76 19.23
N ALA E 195 9.60 16.20 17.97
CA ALA E 195 9.03 15.36 16.95
C ALA E 195 9.79 14.06 16.84
N ILE E 196 11.12 14.16 16.93
CA ILE E 196 12.01 12.98 16.81
C ILE E 196 11.91 12.08 17.99
N ALA E 197 11.75 12.67 19.17
CA ALA E 197 11.46 11.85 20.35
C ALA E 197 10.19 10.99 20.13
N ASN E 198 9.11 11.59 19.62
CA ASN E 198 7.84 10.81 19.33
C ASN E 198 8.09 9.68 18.37
N ILE E 199 8.80 9.95 17.26
CA ILE E 199 9.14 8.89 16.28
C ILE E 199 10.00 7.78 16.90
N ALA E 200 10.96 8.20 17.73
CA ALA E 200 11.83 7.33 18.50
C ALA E 200 11.15 6.41 19.52
N SER E 201 9.94 6.76 19.93
CA SER E 201 9.10 5.86 20.72
C SER E 201 8.34 4.87 19.85
N GLY E 202 8.61 4.87 18.55
CA GLY E 202 8.01 3.90 17.63
C GLY E 202 8.57 2.50 17.81
N ASN E 203 8.33 1.65 16.83
CA ASN E 203 8.88 0.32 16.88
C ASN E 203 10.31 0.30 16.31
N ASN E 204 10.91 -0.88 16.28
CA ASN E 204 12.33 -0.96 16.00
C ASN E 204 12.71 -0.69 14.53
N GLU E 205 11.78 -0.86 13.59
CA GLU E 205 12.03 -0.44 12.21
C GLU E 205 12.22 1.05 12.13
N MET E 206 11.49 1.78 12.97
CA MET E 206 11.43 3.23 12.88
C MET E 206 12.63 3.85 13.55
N LYS E 207 13.06 3.21 14.63
CA LYS E 207 14.28 3.57 15.30
C LYS E 207 15.38 3.43 14.25
N GLN E 208 15.44 2.28 13.63
CA GLN E 208 16.44 2.02 12.60
C GLN E 208 16.39 3.07 11.50
N LYS E 209 15.20 3.47 11.10
CA LYS E 209 15.05 4.54 10.10
C LYS E 209 15.61 5.84 10.65
N LEU E 210 15.26 6.14 11.90
CA LEU E 210 15.86 7.23 12.65
C LEU E 210 17.39 7.17 12.69
N GLU E 211 17.95 6.02 13.08
CA GLU E 211 19.40 5.86 13.06
C GLU E 211 19.93 6.04 11.64
N GLU E 212 19.26 5.49 10.64
CA GLU E 212 19.73 5.67 9.27
C GLU E 212 19.79 7.15 8.93
N ALA E 213 18.74 7.87 9.28
CA ALA E 213 18.61 9.27 8.89
C ALA E 213 19.68 10.15 9.52
N GLY E 214 20.48 9.59 10.43
CA GLY E 214 21.60 10.31 11.00
C GLY E 214 21.21 11.04 12.27
N ALA E 215 20.11 10.61 12.87
CA ALA E 215 19.58 11.26 14.06
C ALA E 215 20.51 11.20 15.29
N LEU E 216 21.18 10.07 15.54
CA LEU E 216 21.86 9.86 16.84
C LEU E 216 23.02 10.83 17.06
N PRO E 217 23.90 10.99 16.05
CA PRO E 217 24.97 11.98 16.16
C PRO E 217 24.43 13.41 16.39
N ALA E 218 23.38 13.77 15.67
CA ALA E 218 22.79 15.10 15.80
C ALA E 218 22.23 15.33 17.20
N LEU E 219 21.64 14.30 17.78
CA LEU E 219 21.11 14.37 19.14
C LEU E 219 22.18 14.36 20.22
N GLU E 220 23.20 13.50 20.04
CA GLU E 220 24.36 13.48 20.95
C GLU E 220 25.08 14.85 20.86
N LYS E 221 25.14 15.40 19.65
CA LYS E 221 25.69 16.76 19.47
C LYS E 221 25.08 17.87 20.35
N LEU E 222 23.81 17.73 20.73
CA LEU E 222 23.04 18.84 21.35
C LEU E 222 23.11 18.89 22.85
N GLN E 223 23.67 17.85 23.46
CA GLN E 223 23.85 17.84 24.91
C GLN E 223 25.00 18.74 25.35
N SER E 224 25.66 19.39 24.37
CA SER E 224 26.59 20.51 24.63
C SER E 224 26.09 21.81 23.99
N HIS E 225 24.85 22.15 24.30
CA HIS E 225 24.10 23.28 23.72
C HIS E 225 23.73 24.26 24.84
N ALA E 226 23.65 25.54 24.49
CA ALA E 226 23.43 26.59 25.47
C ALA E 226 22.15 26.26 26.20
N ASN E 227 21.03 26.33 25.47
CA ASN E 227 19.72 26.09 26.05
C ASN E 227 19.72 24.76 26.78
N GLU E 228 19.40 24.81 28.06
CA GLU E 228 19.35 23.59 28.84
C GLU E 228 18.06 22.82 28.63
N GLU E 229 17.00 23.49 28.17
CA GLU E 229 15.72 22.84 28.10
C GLU E 229 15.88 22.01 26.90
N VAL E 230 16.72 22.41 25.96
CA VAL E 230 17.01 21.60 24.80
C VAL E 230 17.96 20.41 25.12
N GLN E 231 19.01 20.69 25.88
CA GLN E 231 19.86 19.65 26.43
C GLN E 231 19.00 18.53 27.00
N LYS E 232 18.08 18.91 27.89
CA LYS E 232 17.17 17.98 28.57
C LYS E 232 16.32 17.16 27.64
N ASN E 233 15.74 17.82 26.63
CA ASN E 233 14.84 17.13 25.67
C ASN E 233 15.63 16.29 24.68
N ALA E 234 16.80 16.80 24.28
CA ALA E 234 17.70 16.00 23.47
C ALA E 234 18.08 14.72 24.21
N GLN E 235 18.26 14.83 25.54
CA GLN E 235 18.53 13.64 26.32
C GLN E 235 17.49 12.59 26.21
N ALA E 236 16.26 13.02 26.45
CA ALA E 236 15.11 12.15 26.55
C ALA E 236 14.77 11.56 25.19
N ALA E 237 15.11 12.26 24.13
CA ALA E 237 14.95 11.69 22.80
C ALA E 237 15.91 10.50 22.63
N LEU E 238 17.11 10.58 23.20
CA LEU E 238 18.04 9.46 23.14
C LEU E 238 17.62 8.31 24.04
N GLU E 239 17.12 8.63 25.23
CA GLU E 239 16.59 7.62 26.13
C GLU E 239 15.40 6.94 25.47
N ALA E 240 14.51 7.72 24.88
CA ALA E 240 13.34 7.15 24.18
C ALA E 240 13.84 6.20 23.08
N PHE E 241 15.09 6.44 22.65
CA PHE E 241 15.97 5.34 22.17
C PHE E 241 16.48 4.41 23.31
N ASN E 242 15.53 3.58 23.73
CA ASN E 242 15.80 2.30 24.35
C ASN E 242 14.92 1.38 23.54
N SER E 243 13.95 0.82 24.06
N GLU F 5 -2.17 20.56 47.91
CA GLU F 5 -2.48 20.77 46.47
C GLU F 5 -3.04 19.53 45.76
N LEU F 6 -2.78 18.34 46.26
CA LEU F 6 -3.39 17.13 45.71
C LEU F 6 -4.86 17.07 46.01
N PRO F 7 -5.28 17.48 47.22
CA PRO F 7 -6.72 17.43 47.46
C PRO F 7 -7.52 18.30 46.48
N GLN F 8 -6.98 19.46 46.09
CA GLN F 8 -7.62 20.36 45.13
C GLN F 8 -7.79 19.64 43.82
N MET F 9 -6.70 18.96 43.40
CA MET F 9 -6.66 18.24 42.15
C MET F 9 -7.72 17.17 42.19
N VAL F 10 -7.79 16.47 43.32
CA VAL F 10 -8.72 15.35 43.44
C VAL F 10 -10.13 15.92 43.37
N GLN F 11 -10.39 17.00 44.11
CA GLN F 11 -11.69 17.64 44.08
C GLN F 11 -12.04 17.94 42.66
N GLN F 12 -11.10 18.57 41.95
CA GLN F 12 -11.28 18.97 40.55
C GLN F 12 -11.63 17.86 39.55
N LEU F 13 -11.42 16.59 39.91
CA LEU F 13 -11.81 15.45 39.06
C LEU F 13 -13.36 15.36 38.96
N ASN F 14 -14.08 16.12 39.80
CA ASN F 14 -15.55 16.36 39.71
C ASN F 14 -16.00 17.79 39.43
N SER F 15 -15.11 18.58 38.87
CA SER F 15 -15.43 19.93 38.51
C SER F 15 -16.51 19.93 37.44
N PRO F 16 -17.39 20.97 37.41
CA PRO F 16 -18.36 21.10 36.32
C PRO F 16 -17.79 21.53 34.97
N ASP F 17 -16.63 22.18 35.00
CA ASP F 17 -15.90 22.60 33.78
C ASP F 17 -15.03 21.45 33.24
N GLN F 18 -15.25 21.02 32.01
CA GLN F 18 -14.41 19.95 31.44
C GLN F 18 -12.93 20.36 31.28
N GLN F 19 -12.62 21.63 31.04
CA GLN F 19 -11.20 22.04 30.97
C GLN F 19 -10.42 22.01 32.35
N GLU F 20 -11.04 22.39 33.44
CA GLU F 20 -10.40 22.20 34.78
C GLU F 20 -10.27 20.73 35.20
N LEU F 21 -11.29 19.94 34.87
CA LEU F 21 -11.23 18.48 34.99
C LEU F 21 -10.05 17.91 34.17
N GLN F 22 -10.05 18.19 32.88
CA GLN F 22 -9.01 17.68 31.95
C GLN F 22 -7.61 18.10 32.39
N SER F 23 -7.49 19.31 32.93
CA SER F 23 -6.21 19.81 33.47
C SER F 23 -5.81 19.16 34.80
N ALA F 24 -6.82 18.86 35.59
CA ALA F 24 -6.63 18.14 36.85
C ALA F 24 -6.13 16.73 36.62
N LEU F 25 -6.81 16.06 35.70
CA LEU F 25 -6.42 14.76 35.28
C LEU F 25 -4.98 14.69 34.78
N ARG F 26 -4.57 15.67 33.99
CA ARG F 26 -3.23 15.69 33.40
CA ARG F 26 -3.22 15.70 33.41
C ARG F 26 -2.18 15.83 34.50
N LYS F 27 -2.50 16.61 35.52
CA LYS F 27 -1.56 16.81 36.63
C LYS F 27 -1.45 15.48 37.41
N LEU F 28 -2.57 14.77 37.50
CA LEU F 28 -2.58 13.49 38.21
C LEU F 28 -1.79 12.44 37.45
N SER F 29 -1.91 12.41 36.13
CA SER F 29 -1.07 11.50 35.32
C SER F 29 0.41 11.78 35.46
N GLN F 30 0.76 13.06 35.42
CA GLN F 30 2.15 13.47 35.68
C GLN F 30 2.65 12.81 36.97
N ILE F 31 1.88 12.95 38.06
CA ILE F 31 2.34 12.42 39.34
C ILE F 31 2.48 10.90 39.28
N ALA F 32 1.52 10.27 38.61
CA ALA F 32 1.33 8.82 38.67
C ALA F 32 2.45 8.08 37.90
N SER F 33 3.09 8.80 36.99
CA SER F 33 4.31 8.34 36.34
C SER F 33 5.59 8.69 37.11
N GLY F 34 5.48 9.26 38.29
CA GLY F 34 6.65 9.59 39.13
C GLY F 34 7.20 8.62 40.19
N GLY F 35 6.98 7.33 40.01
CA GLY F 35 7.48 6.30 40.93
C GLY F 35 6.61 6.13 42.14
N ASN F 36 6.94 5.13 42.96
CA ASN F 36 5.97 4.55 43.90
C ASN F 36 5.56 5.38 45.10
N GLU F 37 6.43 6.33 45.44
CA GLU F 37 6.17 7.29 46.48
C GLU F 37 5.18 8.32 45.99
N GLN F 38 5.35 8.76 44.74
CA GLN F 38 4.35 9.59 44.09
C GLN F 38 2.99 8.86 43.96
N ILE F 39 3.00 7.62 43.53
CA ILE F 39 1.72 6.83 43.53
C ILE F 39 1.07 6.77 44.93
N GLN F 40 1.86 6.57 45.97
CA GLN F 40 1.37 6.49 47.36
C GLN F 40 0.67 7.76 47.79
N LYS F 41 1.16 8.91 47.32
CA LYS F 41 0.47 10.16 47.62
C LYS F 41 -0.89 10.25 46.93
N LEU F 42 -0.99 9.74 45.70
CA LEU F 42 -2.27 9.72 44.99
C LEU F 42 -3.23 8.82 45.76
N ILE F 43 -2.76 7.65 46.15
CA ILE F 43 -3.62 6.76 46.89
C ILE F 43 -4.12 7.45 48.19
N GLU F 44 -3.19 8.01 48.95
CA GLU F 44 -3.51 8.60 50.25
C GLU F 44 -4.29 9.89 50.15
N ALA F 45 -4.29 10.52 48.97
CA ALA F 45 -5.14 11.65 48.72
C ALA F 45 -6.53 11.28 48.21
N GLY F 46 -6.86 10.02 48.04
CA GLY F 46 -8.19 9.62 47.60
C GLY F 46 -8.42 9.69 46.09
N ALA F 47 -7.37 9.83 45.32
CA ALA F 47 -7.45 9.94 43.85
C ALA F 47 -8.10 8.74 43.08
N LEU F 48 -7.92 7.54 43.63
CA LEU F 48 -8.20 6.29 42.92
C LEU F 48 -9.67 6.03 42.54
N SER F 49 -10.62 6.20 43.46
CA SER F 49 -12.03 5.99 43.13
C SER F 49 -12.57 6.93 42.03
N PRO F 50 -12.38 8.26 42.18
CA PRO F 50 -12.81 9.21 41.14
C PRO F 50 -12.12 9.00 39.81
N LEU F 51 -10.90 8.50 39.85
CA LEU F 51 -10.16 8.27 38.66
C LEU F 51 -10.76 7.10 37.88
N VAL F 52 -11.12 6.08 38.60
CA VAL F 52 -11.74 4.88 38.02
C VAL F 52 -13.15 5.22 37.52
N LYS F 53 -13.82 6.07 38.28
CA LYS F 53 -15.14 6.52 37.92
C LYS F 53 -15.12 7.26 36.63
N LEU F 54 -13.99 7.89 36.29
CA LEU F 54 -13.85 8.53 34.99
C LEU F 54 -13.76 7.56 33.81
N LEU F 55 -13.54 6.27 34.02
CA LEU F 55 -13.54 5.32 32.90
C LEU F 55 -14.89 5.17 32.17
N ASP F 56 -15.94 5.80 32.74
CA ASP F 56 -17.30 5.84 32.18
C ASP F 56 -17.68 7.21 31.59
N ASP F 57 -16.75 8.16 31.57
CA ASP F 57 -17.05 9.52 31.06
C ASP F 57 -17.35 9.50 29.57
N ALA F 58 -18.24 10.40 29.14
CA ALA F 58 -18.75 10.52 27.76
C ALA F 58 -17.70 10.75 26.64
N SER F 59 -16.55 11.35 26.97
CA SER F 59 -15.48 11.53 25.98
C SER F 59 -14.28 10.64 26.28
N GLU F 60 -13.79 9.99 25.23
CA GLU F 60 -12.60 9.14 25.33
C GLU F 60 -11.32 9.99 25.56
N GLU F 61 -11.49 11.31 25.54
CA GLU F 61 -10.43 12.26 25.83
C GLU F 61 -10.09 12.17 27.33
N VAL F 62 -11.12 12.13 28.15
CA VAL F 62 -10.99 12.00 29.56
C VAL F 62 -10.54 10.57 29.86
N ILE F 63 -11.20 9.62 29.23
CA ILE F 63 -10.96 8.20 29.45
C ILE F 63 -9.51 7.79 29.13
N LYS F 64 -8.97 8.24 28.01
CA LYS F 64 -7.61 7.84 27.64
C LYS F 64 -6.59 8.30 28.68
N GLU F 65 -6.80 9.53 29.14
CA GLU F 65 -5.93 10.12 30.13
C GLU F 65 -6.05 9.39 31.45
N ALA F 66 -7.27 8.96 31.80
CA ALA F 66 -7.48 8.23 33.08
C ALA F 66 -6.87 6.85 33.02
N VAL F 67 -6.96 6.19 31.87
CA VAL F 67 -6.36 4.86 31.78
C VAL F 67 -4.84 4.97 31.84
N TRP F 68 -4.29 5.93 31.11
CA TRP F 68 -2.85 6.14 31.13
C TRP F 68 -2.35 6.26 32.59
N ALA F 69 -3.02 7.06 33.38
CA ALA F 69 -2.71 7.18 34.83
C ALA F 69 -2.80 5.88 35.61
N ILE F 70 -3.92 5.18 35.43
CA ILE F 70 -4.14 3.88 36.01
C ILE F 70 -3.08 2.90 35.56
N ALA F 71 -2.74 2.87 34.29
CA ALA F 71 -1.57 2.04 33.83
C ALA F 71 -0.33 2.32 34.67
N ASN F 72 -0.08 3.58 34.96
CA ASN F 72 1.11 3.93 35.73
C ASN F 72 1.06 3.59 37.20
N ILE F 73 -0.10 3.83 37.78
CA ILE F 73 -0.35 3.43 39.16
C ILE F 73 -0.16 1.91 39.33
N ALA F 74 -0.61 1.10 38.36
CA ALA F 74 -0.41 -0.36 38.44
C ALA F 74 1.04 -0.77 38.11
N SER F 75 1.91 0.18 37.73
CA SER F 75 3.33 -0.11 37.72
C SER F 75 3.97 -0.03 39.11
N GLY F 76 3.16 0.31 40.12
CA GLY F 76 3.66 0.38 41.52
C GLY F 76 3.69 -0.97 42.22
N ASN F 77 3.78 -0.99 43.53
CA ASN F 77 3.90 -2.28 44.21
C ASN F 77 2.57 -3.02 44.22
N ASN F 78 2.58 -4.22 44.77
CA ASN F 78 1.39 -5.08 44.75
C ASN F 78 0.29 -4.58 45.68
N GLU F 79 0.69 -3.86 46.72
CA GLU F 79 -0.31 -3.20 47.61
C GLU F 79 -1.00 -2.07 46.88
N GLN F 80 -0.24 -1.39 46.06
CA GLN F 80 -0.79 -0.33 45.23
C GLN F 80 -1.69 -0.88 44.13
N ILE F 81 -1.27 -1.96 43.45
CA ILE F 81 -2.18 -2.67 42.53
C ILE F 81 -3.50 -3.07 43.25
N GLN F 82 -3.36 -3.52 44.50
CA GLN F 82 -4.48 -4.01 45.26
C GLN F 82 -5.49 -2.87 45.48
N LYS F 83 -4.98 -1.69 45.83
CA LYS F 83 -5.84 -0.49 46.00
C LYS F 83 -6.61 -0.15 44.72
N LEU F 84 -5.94 -0.32 43.58
CA LEU F 84 -6.60 -0.16 42.28
C LEU F 84 -7.74 -1.15 42.06
N ILE F 85 -7.52 -2.40 42.48
CA ILE F 85 -8.48 -3.47 42.32
C ILE F 85 -9.69 -3.18 43.21
N GLU F 86 -9.42 -2.76 44.45
CA GLU F 86 -10.47 -2.34 45.40
C GLU F 86 -11.28 -1.11 44.94
N ALA F 87 -10.61 -0.14 44.30
CA ALA F 87 -11.35 1.01 43.78
C ALA F 87 -12.22 0.61 42.61
N GLY F 88 -12.27 -0.67 42.24
CA GLY F 88 -13.18 -1.16 41.21
C GLY F 88 -12.66 -1.05 39.79
N ALA F 89 -11.35 -0.89 39.63
CA ALA F 89 -10.78 -0.65 38.28
C ALA F 89 -10.98 -1.78 37.25
N LEU F 90 -11.10 -3.03 37.66
CA LEU F 90 -10.99 -4.12 36.69
C LEU F 90 -12.13 -4.18 35.72
N SER F 91 -13.34 -3.98 36.22
CA SER F 91 -14.53 -4.11 35.40
C SER F 91 -14.60 -3.07 34.25
N PRO F 92 -14.45 -1.75 34.55
CA PRO F 92 -14.41 -0.83 33.45
C PRO F 92 -13.24 -1.06 32.48
N LEU F 93 -12.07 -1.49 32.96
CA LEU F 93 -10.89 -1.69 32.09
C LEU F 93 -11.20 -2.84 31.11
N VAL F 94 -11.76 -3.93 31.62
CA VAL F 94 -12.14 -5.04 30.78
C VAL F 94 -13.17 -4.60 29.77
N LYS F 95 -14.16 -3.83 30.21
CA LYS F 95 -15.17 -3.26 29.29
C LYS F 95 -14.60 -2.44 28.10
N LEU F 96 -13.52 -1.70 28.32
CA LEU F 96 -12.87 -0.94 27.26
C LEU F 96 -12.25 -1.79 26.14
N LEU F 97 -11.85 -3.02 26.46
CA LEU F 97 -11.25 -3.93 25.48
C LEU F 97 -12.10 -4.26 24.26
N ASP F 98 -13.43 -4.11 24.33
CA ASP F 98 -14.25 -4.23 23.09
C ASP F 98 -15.10 -2.99 22.73
N ASP F 99 -15.29 -2.04 23.67
CA ASP F 99 -16.22 -0.91 23.45
C ASP F 99 -15.57 0.45 23.15
N ALA F 100 -14.28 0.45 22.83
CA ALA F 100 -13.50 1.72 22.76
C ALA F 100 -12.51 1.68 21.62
N SER F 101 -11.88 2.81 21.29
CA SER F 101 -10.98 2.92 20.14
C SER F 101 -9.68 2.18 20.39
N GLU F 102 -8.97 1.77 19.30
CA GLU F 102 -7.67 1.06 19.41
C GLU F 102 -6.67 1.88 20.29
N GLU F 103 -6.79 3.19 20.21
CA GLU F 103 -5.97 4.13 20.98
C GLU F 103 -6.17 3.93 22.48
N VAL F 104 -7.42 3.83 22.91
CA VAL F 104 -7.77 3.64 24.32
C VAL F 104 -7.46 2.21 24.77
N ILE F 105 -7.79 1.25 23.90
CA ILE F 105 -7.52 -0.14 24.15
C ILE F 105 -6.06 -0.45 24.45
N LYS F 106 -5.11 0.21 23.79
CA LYS F 106 -3.70 -0.04 24.01
C LYS F 106 -3.30 0.26 25.42
N GLU F 107 -3.91 1.31 25.93
CA GLU F 107 -3.72 1.73 27.29
C GLU F 107 -4.37 0.79 28.30
N ALA F 108 -5.56 0.33 27.95
CA ALA F 108 -6.32 -0.58 28.81
C ALA F 108 -5.54 -1.86 28.91
N VAL F 109 -4.97 -2.29 27.79
CA VAL F 109 -4.21 -3.51 27.79
C VAL F 109 -3.02 -3.34 28.70
N TRP F 110 -2.37 -2.16 28.60
CA TRP F 110 -1.18 -1.90 29.40
C TRP F 110 -1.50 -1.94 30.88
N ALA F 111 -2.55 -1.26 31.27
CA ALA F 111 -3.07 -1.35 32.68
C ALA F 111 -3.26 -2.78 33.09
N ILE F 112 -3.87 -3.57 32.20
CA ILE F 112 -4.24 -4.89 32.55
C ILE F 112 -3.05 -5.77 32.64
N ALA F 113 -2.05 -5.57 31.78
CA ALA F 113 -0.82 -6.36 31.90
C ALA F 113 -0.14 -6.11 33.20
N ASN F 114 -0.07 -4.83 33.61
CA ASN F 114 0.59 -4.49 34.90
C ASN F 114 -0.11 -5.05 36.12
N ILE F 115 -1.44 -5.04 36.08
CA ILE F 115 -2.21 -5.69 37.14
C ILE F 115 -1.91 -7.20 37.21
N ALA F 116 -1.78 -7.84 36.04
CA ALA F 116 -1.38 -9.23 35.94
C ALA F 116 0.08 -9.49 36.22
N SER F 117 0.81 -8.44 36.50
CA SER F 117 2.19 -8.55 36.95
C SER F 117 2.21 -8.53 38.46
N GLY F 118 1.01 -8.54 39.04
CA GLY F 118 0.85 -8.63 40.50
C GLY F 118 0.91 -10.06 40.95
N ASN F 119 0.37 -10.38 42.11
CA ASN F 119 0.34 -11.76 42.57
C ASN F 119 -0.79 -12.62 41.95
N ASN F 120 -0.81 -13.92 42.28
CA ASN F 120 -1.77 -14.87 41.73
C ASN F 120 -3.24 -14.60 42.10
N GLU F 121 -3.45 -14.02 43.27
CA GLU F 121 -4.79 -13.61 43.70
C GLU F 121 -5.29 -12.42 42.88
N GLN F 122 -4.36 -11.56 42.52
CA GLN F 122 -4.66 -10.42 41.66
C GLN F 122 -4.89 -10.87 40.22
N ILE F 123 -4.17 -11.88 39.77
CA ILE F 123 -4.40 -12.37 38.45
C ILE F 123 -5.75 -13.09 38.44
N GLN F 124 -6.10 -13.74 39.54
CA GLN F 124 -7.42 -14.39 39.70
C GLN F 124 -8.53 -13.38 39.58
N LYS F 125 -8.35 -12.22 40.19
CA LYS F 125 -9.33 -11.14 40.08
C LYS F 125 -9.50 -10.69 38.62
N LEU F 126 -8.39 -10.64 37.87
CA LEU F 126 -8.47 -10.27 36.44
C LEU F 126 -9.31 -11.28 35.69
N ILE F 127 -9.12 -12.54 36.00
CA ILE F 127 -9.93 -13.61 35.35
C ILE F 127 -11.42 -13.49 35.66
N GLU F 128 -11.72 -13.37 36.95
CA GLU F 128 -13.08 -13.20 37.42
C GLU F 128 -13.72 -11.97 36.81
N ALA F 129 -12.92 -10.97 36.45
CA ALA F 129 -13.47 -9.81 35.80
C ALA F 129 -13.68 -10.09 34.31
N GLY F 130 -13.35 -11.27 33.81
CA GLY F 130 -13.61 -11.60 32.39
C GLY F 130 -12.59 -11.06 31.42
N ALA F 131 -11.38 -10.82 31.89
CA ALA F 131 -10.32 -10.27 31.04
C ALA F 131 -9.87 -11.19 29.93
N LEU F 132 -9.97 -12.50 30.14
CA LEU F 132 -9.22 -13.38 29.30
C LEU F 132 -9.75 -13.39 27.88
N SER F 133 -11.06 -13.46 27.72
CA SER F 133 -11.65 -13.57 26.40
C SER F 133 -11.40 -12.35 25.50
N PRO F 134 -11.67 -11.13 26.02
CA PRO F 134 -11.38 -9.99 25.13
C PRO F 134 -9.89 -9.84 24.83
N LEU F 135 -9.02 -10.28 25.71
CA LEU F 135 -7.58 -10.24 25.41
C LEU F 135 -7.20 -11.14 24.28
N VAL F 136 -7.72 -12.36 24.34
CA VAL F 136 -7.46 -13.34 23.29
C VAL F 136 -7.99 -12.90 21.95
N LYS F 137 -9.18 -12.31 21.96
CA LYS F 137 -9.78 -11.83 20.72
C LYS F 137 -8.92 -10.76 20.04
N LEU F 138 -8.24 -9.93 20.83
CA LEU F 138 -7.40 -8.84 20.30
C LEU F 138 -6.27 -9.36 19.40
N LEU F 139 -5.83 -10.59 19.65
CA LEU F 139 -4.72 -11.22 18.91
C LEU F 139 -5.03 -11.52 17.46
N ASP F 140 -6.31 -11.75 17.16
CA ASP F 140 -6.75 -11.88 15.77
C ASP F 140 -7.23 -10.55 15.17
N ASP F 141 -7.73 -9.66 16.02
CA ASP F 141 -8.51 -8.52 15.54
C ASP F 141 -7.82 -7.16 15.56
N ALA F 142 -6.66 -7.04 16.20
CA ALA F 142 -6.07 -5.72 16.42
C ALA F 142 -4.76 -5.49 15.68
N SER F 143 -4.33 -4.24 15.64
CA SER F 143 -3.06 -3.86 15.02
C SER F 143 -1.88 -4.48 15.76
N GLU F 144 -0.78 -4.66 15.03
CA GLU F 144 0.41 -5.28 15.62
C GLU F 144 0.85 -4.58 16.91
N GLU F 145 0.76 -3.25 16.93
CA GLU F 145 1.03 -2.44 18.12
C GLU F 145 0.21 -2.90 19.33
N VAL F 146 -1.10 -3.05 19.15
CA VAL F 146 -1.97 -3.49 20.25
C VAL F 146 -1.69 -4.95 20.56
N ILE F 147 -1.47 -5.76 19.52
CA ILE F 147 -1.24 -7.18 19.71
C ILE F 147 0.03 -7.45 20.54
N LYS F 148 1.03 -6.63 20.32
CA LYS F 148 2.24 -6.77 21.13
C LYS F 148 1.94 -6.61 22.64
N GLU F 149 1.09 -5.66 23.02
CA GLU F 149 0.83 -5.43 24.45
C GLU F 149 -0.11 -6.50 25.03
N ALA F 150 -1.07 -6.92 24.24
CA ALA F 150 -1.94 -8.07 24.58
C ALA F 150 -1.13 -9.34 24.81
N VAL F 151 -0.19 -9.64 23.92
CA VAL F 151 0.54 -10.86 24.13
C VAL F 151 1.28 -10.75 25.46
N TRP F 152 1.82 -9.57 25.79
CA TRP F 152 2.52 -9.40 27.06
C TRP F 152 1.53 -9.60 28.25
N ALA F 153 0.33 -9.07 28.15
CA ALA F 153 -0.68 -9.29 29.22
C ALA F 153 -1.02 -10.78 29.39
N ILE F 154 -1.16 -11.45 28.26
CA ILE F 154 -1.40 -12.88 28.26
C ILE F 154 -0.26 -13.65 28.90
N ALA F 155 0.97 -13.24 28.59
CA ALA F 155 2.10 -13.93 29.16
C ALA F 155 2.18 -13.76 30.67
N ASN F 156 1.73 -12.62 31.17
CA ASN F 156 1.72 -12.40 32.65
C ASN F 156 0.71 -13.32 33.30
N ILE F 157 -0.44 -13.42 32.67
CA ILE F 157 -1.46 -14.38 33.11
C ILE F 157 -0.94 -15.82 33.09
N ALA F 158 -0.26 -16.19 32.00
CA ALA F 158 0.42 -17.46 31.90
C ALA F 158 1.54 -17.77 32.90
N SER F 159 2.03 -16.76 33.62
CA SER F 159 3.01 -16.95 34.73
C SER F 159 2.35 -17.27 36.07
N GLY F 160 1.02 -17.22 36.12
CA GLY F 160 0.27 -17.61 37.29
C GLY F 160 0.23 -19.10 37.46
N ASN F 161 -0.71 -19.60 38.25
CA ASN F 161 -0.70 -21.01 38.57
C ASN F 161 -1.36 -21.86 37.49
N ASN F 162 -1.31 -23.18 37.63
CA ASN F 162 -1.86 -24.07 36.61
C ASN F 162 -3.36 -23.90 36.38
N GLU F 163 -4.13 -23.59 37.42
CA GLU F 163 -5.56 -23.39 37.17
C GLU F 163 -5.71 -22.19 36.26
N GLN F 164 -4.83 -21.20 36.47
CA GLN F 164 -4.90 -19.95 35.72
C GLN F 164 -4.49 -20.12 34.26
N ILE F 165 -3.53 -21.00 34.02
CA ILE F 165 -3.09 -21.28 32.66
C ILE F 165 -4.16 -22.05 31.87
N GLN F 166 -4.89 -22.89 32.58
CA GLN F 166 -5.96 -23.67 32.00
C GLN F 166 -7.12 -22.75 31.60
N LYS F 167 -7.42 -21.76 32.39
CA LYS F 167 -8.33 -20.73 31.94
C LYS F 167 -7.94 -19.97 30.64
N LEU F 168 -6.66 -19.63 30.50
CA LEU F 168 -6.16 -19.10 29.22
C LEU F 168 -6.39 -19.99 28.05
N ILE F 169 -6.10 -21.24 28.25
CA ILE F 169 -6.29 -22.27 27.19
C ILE F 169 -7.75 -22.41 26.81
N GLU F 170 -8.62 -22.39 27.84
CA GLU F 170 -10.08 -22.43 27.66
C GLU F 170 -10.56 -21.22 26.92
N ALA F 171 -9.92 -20.09 27.13
CA ALA F 171 -10.30 -18.90 26.44
C ALA F 171 -9.79 -18.89 25.02
N GLY F 172 -9.10 -19.94 24.59
CA GLY F 172 -8.68 -20.08 23.19
C GLY F 172 -7.33 -19.48 22.85
N ALA F 173 -6.49 -19.24 23.86
CA ALA F 173 -5.22 -18.54 23.63
C ALA F 173 -4.24 -19.24 22.71
N LEU F 174 -4.29 -20.57 22.63
CA LEU F 174 -3.19 -21.31 22.01
C LEU F 174 -2.98 -21.17 20.51
N SER F 175 -4.03 -21.22 19.72
CA SER F 175 -3.86 -21.15 18.27
C SER F 175 -3.44 -19.78 17.82
N PRO F 176 -4.09 -18.73 18.34
CA PRO F 176 -3.64 -17.38 18.03
C PRO F 176 -2.18 -17.14 18.47
N LEU F 177 -1.77 -17.73 19.58
CA LEU F 177 -0.39 -17.52 20.02
C LEU F 177 0.55 -18.25 19.08
N VAL F 178 0.24 -19.51 18.81
CA VAL F 178 1.03 -20.32 17.89
C VAL F 178 1.15 -19.66 16.51
N LYS F 179 0.03 -19.15 16.00
CA LYS F 179 0.03 -18.42 14.73
C LYS F 179 0.94 -17.17 14.73
N LEU F 180 1.06 -16.51 15.86
CA LEU F 180 1.90 -15.31 15.95
C LEU F 180 3.38 -15.60 15.83
N LEU F 181 3.78 -16.82 16.16
CA LEU F 181 5.17 -17.23 16.02
C LEU F 181 5.63 -17.13 14.56
N ASP F 182 4.68 -17.25 13.62
CA ASP F 182 4.94 -17.08 12.17
C ASP F 182 4.53 -15.73 11.58
N ASP F 183 3.23 -15.52 11.39
CA ASP F 183 2.74 -14.38 10.63
C ASP F 183 2.72 -13.10 11.50
N ALA F 184 3.93 -12.63 11.85
CA ALA F 184 4.10 -11.38 12.61
C ALA F 184 5.53 -10.82 12.65
N SER F 185 5.66 -9.57 13.14
CA SER F 185 6.95 -8.89 13.31
C SER F 185 7.80 -9.50 14.44
N GLU F 186 9.10 -9.27 14.38
CA GLU F 186 10.05 -9.93 15.27
C GLU F 186 9.80 -9.59 16.76
N GLU F 187 9.30 -8.40 17.03
CA GLU F 187 9.04 -7.99 18.41
C GLU F 187 7.87 -8.78 18.97
N VAL F 188 6.91 -9.10 18.11
CA VAL F 188 5.72 -9.83 18.52
C VAL F 188 6.03 -11.30 18.74
N ILE F 189 6.82 -11.87 17.83
CA ILE F 189 7.25 -13.26 17.91
C ILE F 189 7.95 -13.44 19.27
N LYS F 190 8.82 -12.50 19.60
CA LYS F 190 9.48 -12.52 20.89
C LYS F 190 8.47 -12.56 22.02
N GLU F 191 7.46 -11.70 21.96
CA GLU F 191 6.49 -11.66 23.06
C GLU F 191 5.71 -12.97 23.12
N ALA F 192 5.41 -13.52 21.95
CA ALA F 192 4.62 -14.75 21.81
C ALA F 192 5.33 -15.97 22.32
N VAL F 193 6.64 -16.01 22.14
CA VAL F 193 7.36 -17.20 22.53
C VAL F 193 7.47 -17.24 24.02
N TRP F 194 7.62 -16.05 24.63
CA TRP F 194 7.64 -15.92 26.10
C TRP F 194 6.34 -16.38 26.73
N ALA F 195 5.22 -16.04 26.11
CA ALA F 195 3.93 -16.50 26.62
C ALA F 195 3.79 -18.01 26.56
N ILE F 196 4.26 -18.57 25.46
CA ILE F 196 4.28 -20.02 25.26
C ILE F 196 5.23 -20.73 26.21
N ALA F 197 6.40 -20.12 26.46
CA ALA F 197 7.33 -20.68 27.42
C ALA F 197 6.66 -20.82 28.77
N ASN F 198 5.95 -19.76 29.21
CA ASN F 198 5.17 -19.86 30.48
C ASN F 198 4.17 -20.99 30.48
N ILE F 199 3.38 -21.10 29.44
CA ILE F 199 2.39 -22.20 29.32
C ILE F 199 3.05 -23.60 29.35
N ALA F 200 4.15 -23.69 28.62
CA ALA F 200 4.98 -24.90 28.52
C ALA F 200 5.58 -25.36 29.85
N SER F 201 5.65 -24.46 30.84
CA SER F 201 6.01 -24.83 32.21
C SER F 201 4.82 -25.40 32.98
N GLY F 202 3.67 -25.55 32.33
CA GLY F 202 2.48 -26.10 32.97
C GLY F 202 2.58 -27.59 33.26
N ASN F 203 1.42 -28.22 33.49
CA ASN F 203 1.37 -29.67 33.66
C ASN F 203 1.24 -30.41 32.30
N ASN F 204 1.20 -31.74 32.32
CA ASN F 204 1.33 -32.50 31.08
C ASN F 204 0.14 -32.37 30.15
N GLU F 205 -1.05 -32.15 30.70
CA GLU F 205 -2.22 -31.96 29.84
C GLU F 205 -2.02 -30.67 29.01
N MET F 206 -1.32 -29.67 29.57
CA MET F 206 -1.13 -28.35 28.94
C MET F 206 -0.01 -28.35 27.88
N LYS F 207 1.05 -29.09 28.18
CA LYS F 207 2.07 -29.43 27.21
C LYS F 207 1.38 -30.07 26.01
N GLN F 208 0.63 -31.12 26.27
CA GLN F 208 -0.09 -31.83 25.23
C GLN F 208 -1.00 -30.90 24.43
N LYS F 209 -1.70 -29.99 25.11
CA LYS F 209 -2.50 -28.98 24.42
C LYS F 209 -1.59 -28.12 23.52
N LEU F 210 -0.48 -27.69 24.10
CA LEU F 210 0.58 -27.01 23.34
C LEU F 210 1.01 -27.80 22.12
N GLU F 211 1.38 -29.07 22.30
CA GLU F 211 1.81 -29.89 21.17
C GLU F 211 0.66 -30.00 20.17
N GLU F 212 -0.57 -30.18 20.63
CA GLU F 212 -1.68 -30.24 19.70
C GLU F 212 -1.81 -28.99 18.87
N ALA F 213 -1.69 -27.85 19.54
CA ALA F 213 -1.86 -26.56 18.87
C ALA F 213 -0.80 -26.29 17.78
N GLY F 214 0.22 -27.16 17.68
CA GLY F 214 1.23 -27.05 16.63
C GLY F 214 2.44 -26.27 17.05
N ALA F 215 2.63 -26.11 18.35
CA ALA F 215 3.67 -25.25 18.90
C ALA F 215 5.10 -25.72 18.61
N LEU F 216 5.35 -27.03 18.67
CA LEU F 216 6.73 -27.51 18.62
C LEU F 216 7.42 -27.21 17.26
N PRO F 217 6.74 -27.48 16.13
CA PRO F 217 7.31 -27.14 14.83
C PRO F 217 7.58 -25.65 14.66
N ALA F 218 6.65 -24.83 15.13
CA ALA F 218 6.81 -23.39 15.05
C ALA F 218 8.00 -22.91 15.86
N LEU F 219 8.21 -23.51 17.04
CA LEU F 219 9.36 -23.18 17.90
C LEU F 219 10.69 -23.72 17.38
N GLU F 220 10.68 -24.94 16.87
CA GLU F 220 11.83 -25.54 16.20
C GLU F 220 12.19 -24.68 14.98
N LYS F 221 11.16 -24.23 14.26
CA LYS F 221 11.36 -23.32 13.11
C LYS F 221 12.16 -22.04 13.39
N LEU F 222 12.14 -21.54 14.63
CA LEU F 222 12.67 -20.19 14.96
C LEU F 222 14.12 -20.18 15.39
N GLN F 223 14.67 -21.35 15.64
CA GLN F 223 16.05 -21.46 16.05
C GLN F 223 16.99 -21.25 14.86
N SER F 224 16.41 -21.02 13.67
CA SER F 224 17.12 -20.50 12.49
C SER F 224 16.52 -19.16 12.01
N HIS F 225 16.47 -18.22 12.93
CA HIS F 225 15.83 -16.91 12.68
C HIS F 225 16.93 -15.86 12.66
N ALA F 226 16.68 -14.75 11.96
CA ALA F 226 17.66 -13.66 11.84
C ALA F 226 18.08 -13.20 13.23
N ASN F 227 17.13 -12.61 13.96
CA ASN F 227 17.38 -12.17 15.33
C ASN F 227 17.99 -13.30 16.18
N GLU F 228 19.16 -13.01 16.78
CA GLU F 228 19.90 -13.87 17.74
C GLU F 228 19.10 -14.18 19.02
N GLU F 229 18.35 -13.17 19.45
CA GLU F 229 17.71 -13.17 20.75
C GLU F 229 16.41 -14.00 20.82
N VAL F 230 15.68 -14.11 19.70
CA VAL F 230 14.53 -15.00 19.66
C VAL F 230 15.02 -16.44 19.61
N GLN F 231 16.10 -16.70 18.87
CA GLN F 231 16.67 -18.06 18.87
C GLN F 231 16.79 -18.54 20.30
N LYS F 232 17.44 -17.71 21.12
CA LYS F 232 17.69 -18.03 22.53
C LYS F 232 16.43 -18.32 23.33
N ASN F 233 15.43 -17.48 23.15
CA ASN F 233 14.16 -17.62 23.88
C ASN F 233 13.31 -18.76 23.32
N ALA F 234 13.34 -18.94 22.00
CA ALA F 234 12.70 -20.08 21.38
C ALA F 234 13.32 -21.39 21.91
N GLN F 235 14.63 -21.38 22.13
CA GLN F 235 15.33 -22.54 22.69
C GLN F 235 14.75 -22.92 24.03
N ALA F 236 14.69 -21.94 24.91
CA ALA F 236 14.27 -22.13 26.29
C ALA F 236 12.80 -22.50 26.42
N ALA F 237 12.00 -22.08 25.45
CA ALA F 237 10.61 -22.51 25.41
C ALA F 237 10.53 -24.00 25.11
N LEU F 238 11.42 -24.51 24.25
CA LEU F 238 11.46 -25.95 23.99
C LEU F 238 12.04 -26.73 25.18
N GLU F 239 13.05 -26.17 25.84
CA GLU F 239 13.58 -26.79 27.03
C GLU F 239 12.54 -26.83 28.14
N ALA F 240 11.81 -25.72 28.31
CA ALA F 240 10.70 -25.66 29.27
C ALA F 240 9.58 -26.66 28.93
N PHE F 241 9.41 -26.94 27.65
CA PHE F 241 8.46 -27.95 27.22
C PHE F 241 8.95 -29.37 27.56
N ASN F 242 10.23 -29.53 27.89
CA ASN F 242 10.80 -30.87 28.19
C ASN F 242 11.61 -30.79 29.50
N SER F 243 12.78 -31.15 29.62
N ARG G 1 4.41 6.89 26.35
CA ARG G 1 4.16 8.35 26.16
C ARG G 1 4.85 8.85 24.88
N ARG G 2 4.13 9.72 24.19
CA ARG G 2 4.54 10.44 22.99
C ARG G 2 3.66 11.68 23.12
N ARG G 3 4.34 12.81 23.19
CA ARG G 3 3.68 14.10 23.39
C ARG G 3 2.77 14.65 22.29
N ARG G 4 1.55 15.06 22.70
CA ARG G 4 0.56 15.60 21.82
C ARG G 4 0.11 16.92 22.54
N ARG G 5 0.34 18.02 21.88
CA ARG G 5 0.07 19.33 22.44
C ARG G 5 -0.87 20.27 21.62
N ARG G 6 -1.89 20.67 22.33
CA ARG G 6 -2.96 21.56 21.75
C ARG G 6 -2.58 22.97 22.16
N ARG G 7 -2.71 23.97 21.29
CA ARG G 7 -2.19 25.32 21.65
C ARG G 7 -3.10 26.39 21.06
N ARG G 8 -3.70 27.23 21.88
CA ARG G 8 -4.87 28.02 21.41
C ARG G 8 -4.74 28.99 20.18
N ARG G 9 -3.63 29.68 20.04
CA ARG G 9 -3.53 30.69 18.96
C ARG G 9 -4.03 32.07 19.40
N ARG H 1 9.02 -18.72 34.93
CA ARG H 1 7.58 -18.27 35.02
C ARG H 1 7.60 -16.81 35.45
N ARG H 2 8.22 -16.02 34.58
CA ARG H 2 8.58 -14.60 34.80
C ARG H 2 7.44 -13.69 34.33
N ARG H 3 7.40 -12.53 34.94
CA ARG H 3 6.23 -11.72 34.99
C ARG H 3 6.77 -10.32 34.86
N ARG H 4 6.21 -9.56 33.94
CA ARG H 4 6.77 -8.29 33.55
C ARG H 4 5.95 -7.07 33.92
N ARG H 5 6.51 -6.22 34.78
CA ARG H 5 5.95 -4.90 35.09
C ARG H 5 6.52 -3.81 34.21
N ARG H 6 5.65 -2.97 33.65
CA ARG H 6 6.09 -1.89 32.73
C ARG H 6 5.32 -0.59 32.95
N ARG H 7 6.05 0.45 33.27
CA ARG H 7 5.50 1.79 33.47
C ARG H 7 5.13 2.39 32.10
N ARG H 8 4.84 3.70 32.07
CA ARG H 8 4.83 4.49 30.82
C ARG H 8 5.06 5.97 31.18
N ARG H 9 6.29 6.30 31.59
CA ARG H 9 6.64 7.69 31.82
C ARG H 9 6.43 8.49 30.52
N ARG I . -15.08 1.16 -22.50
CA ARG I . -13.77 1.80 -22.73
C ARG I . -13.49 2.40 -21.41
O ARG I . -14.24 3.28 -21.05
CB ARG I . -13.85 2.89 -23.82
CG ARG I . -12.57 3.72 -23.97
CD ARG I . -12.78 5.10 -24.59
NE ARG I . -11.74 5.37 -25.61
CZ ARG I . -11.46 6.56 -26.11
NH1 ARG I . -10.50 6.68 -27.04
NH2 ARG I . -12.11 7.61 -25.69
N ARG J . -5.29 35.88 12.04
CA ARG J . -5.46 37.19 12.70
C ARG J . -4.67 37.22 14.03
O ARG J . -5.22 37.46 15.16
CB ARG J . -6.95 37.42 12.85
CG ARG J . -7.32 38.88 12.84
CD ARG J . -8.41 39.16 13.86
NE ARG J . -8.20 38.44 15.11
CZ ARG J . -9.19 38.09 15.94
NH1 ARG J . -8.91 37.49 17.08
NH2 ARG J . -10.46 38.38 15.65
#